data_7N7W
#
_entry.id   7N7W
#
_cell.length_a   150.104
_cell.length_b   150.104
_cell.length_c   113.206
_cell.angle_alpha   90.000
_cell.angle_beta   90.000
_cell.angle_gamma   120.000
#
_symmetry.space_group_name_H-M   'P 63'
#
loop_
_entity.id
_entity.type
_entity.pdbx_description
1 polymer 'Uridylate-specific endoribonuclease'
2 non-polymer "N-(2-fluorophenyl)-N'-methylurea"
3 water water
#
_entity_poly.entity_id   1
_entity_poly.type   'polypeptide(L)'
_entity_poly.pdbx_seq_one_letter_code
;GAMSLENVAFNVVNKGHFDGQQGEVPVSIINNTVYTKVDGVDVELFENKTTLPVNVAFELWAKRNIKPVPEVKILNNLGV
DIAANTVIWDYKRDAPAHISTIGVCSMTDIAKKPTETICAPLTVFFDGRVDGQVDLFRNARNGVLITEGSVKGLQPSVGP
KQASLNGVTLIGEAVKTQFNYYKKVDGVVQQLPETYFTQSRNLQEFKPRSQMEIDFLELAMDEFIERYKLEGYAFEHIVY
GDFSHSQLGGLHLLIGLAKRFKESPFELEDFIPMDSTVKNYFITDAQTGSSKCVCSVIDLLLDDFVEIIKSQDLSVVSKV
VKVTIDYTEISFMLWCKDGHVETFYPKLQ
;
_entity_poly.pdbx_strand_id   A,B
#
# COMPACT_ATOMS: atom_id res chain seq x y z
N ALA A 2 -36.59 -4.01 6.88
CA ALA A 2 -37.34 -4.64 7.97
C ALA A 2 -36.54 -5.84 8.53
N MET A 3 -35.62 -5.53 9.44
CA MET A 3 -34.88 -6.56 10.17
C MET A 3 -35.79 -7.23 11.21
N SER A 4 -35.60 -8.55 11.41
CA SER A 4 -36.41 -9.30 12.37
C SER A 4 -35.80 -10.66 12.67
N LEU A 5 -36.14 -11.18 13.84
CA LEU A 5 -35.71 -12.53 14.22
C LEU A 5 -36.03 -13.54 13.12
N GLU A 6 -37.25 -13.48 12.60
CA GLU A 6 -37.72 -14.48 11.65
C GLU A 6 -37.05 -14.27 10.29
N ASN A 7 -36.71 -13.03 9.96
CA ASN A 7 -35.96 -12.83 8.73
C ASN A 7 -34.52 -13.33 8.86
N VAL A 8 -33.90 -13.10 10.03
CA VAL A 8 -32.55 -13.62 10.23
C VAL A 8 -32.57 -15.15 10.08
N ALA A 9 -33.56 -15.80 10.69
CA ALA A 9 -33.62 -17.24 10.57
C ALA A 9 -33.92 -17.68 9.14
N PHE A 10 -34.71 -16.90 8.40
CA PHE A 10 -34.92 -17.23 7.01
C PHE A 10 -33.57 -17.26 6.26
N ASN A 11 -32.73 -16.23 6.47
CA ASN A 11 -31.45 -16.21 5.78
C ASN A 11 -30.59 -17.36 6.22
N VAL A 12 -30.53 -17.60 7.54
CA VAL A 12 -29.69 -18.69 8.02
C VAL A 12 -30.08 -19.99 7.32
N VAL A 13 -31.40 -20.28 7.24
CA VAL A 13 -31.89 -21.56 6.72
C VAL A 13 -31.60 -21.67 5.23
N ASN A 14 -31.80 -20.59 4.47
CA ASN A 14 -31.71 -20.65 3.01
C ASN A 14 -30.36 -20.25 2.42
N LYS A 15 -29.55 -19.50 3.14
CA LYS A 15 -28.36 -18.91 2.59
C LYS A 15 -27.16 -19.24 3.47
N GLY A 16 -27.36 -20.07 4.51
CA GLY A 16 -26.27 -20.44 5.40
C GLY A 16 -25.81 -19.35 6.37
N HIS A 17 -26.33 -18.13 6.25
CA HIS A 17 -25.90 -17.03 7.08
C HIS A 17 -26.72 -15.85 6.64
N PHE A 18 -26.55 -14.69 7.28
CA PHE A 18 -27.33 -13.54 6.87
C PHE A 18 -26.84 -13.02 5.52
N ASP A 19 -27.78 -12.91 4.56
CA ASP A 19 -27.43 -12.57 3.19
C ASP A 19 -28.33 -11.51 2.59
N GLY A 20 -28.92 -10.66 3.43
CA GLY A 20 -29.78 -9.61 2.91
C GLY A 20 -31.04 -10.09 2.22
N GLN A 21 -31.29 -11.40 2.16
CA GLN A 21 -32.49 -11.90 1.52
C GLN A 21 -33.77 -11.53 2.27
N GLN A 22 -34.89 -11.55 1.54
CA GLN A 22 -36.18 -11.24 2.14
C GLN A 22 -36.95 -12.54 2.42
N GLY A 23 -37.70 -12.51 3.54
CA GLY A 23 -38.49 -13.65 3.89
C GLY A 23 -38.47 -13.97 5.36
N GLU A 24 -39.25 -14.98 5.78
CA GLU A 24 -39.47 -15.30 7.19
C GLU A 24 -39.68 -16.80 7.34
N VAL A 25 -39.09 -17.41 8.36
CA VAL A 25 -39.50 -18.73 8.82
C VAL A 25 -39.98 -18.61 10.26
N PRO A 26 -40.91 -19.42 10.71
CA PRO A 26 -41.29 -19.34 12.11
C PRO A 26 -40.17 -19.90 12.95
N VAL A 27 -40.06 -19.36 14.13
CA VAL A 27 -38.95 -19.64 15.02
C VAL A 27 -39.50 -19.79 16.41
N SER A 28 -38.90 -20.69 17.19
CA SER A 28 -39.13 -20.73 18.62
C SER A 28 -37.82 -20.62 19.40
N ILE A 29 -37.87 -19.83 20.45
CA ILE A 29 -36.75 -19.59 21.34
C ILE A 29 -37.01 -20.29 22.68
N ILE A 30 -36.08 -21.11 23.10
CA ILE A 30 -36.16 -21.75 24.40
C ILE A 30 -34.75 -22.06 24.86
N ASN A 31 -34.48 -22.16 26.16
N ASN A 31 -34.66 -22.03 26.18
CA ASN A 31 -33.15 -22.66 26.67
CA ASN A 31 -33.85 -21.13 26.96
C ASN A 31 -31.89 -22.08 25.97
C ASN A 31 -32.99 -20.23 26.08
N ASN A 32 -31.81 -20.73 25.84
CA ASN A 32 -30.76 -20.09 25.08
C ASN A 32 -30.60 -20.63 23.70
N THR A 33 -31.62 -21.27 23.14
CA THR A 33 -31.49 -21.91 21.85
C THR A 33 -32.55 -21.40 20.91
N VAL A 34 -32.18 -21.21 19.65
CA VAL A 34 -33.12 -20.86 18.60
C VAL A 34 -33.43 -22.10 17.76
N TYR A 35 -34.72 -22.32 17.46
CA TYR A 35 -35.19 -23.44 16.65
C TYR A 35 -36.15 -22.96 15.56
N THR A 36 -36.40 -23.85 14.60
CA THR A 36 -37.35 -23.61 13.52
C THR A 36 -37.98 -24.93 13.14
N LYS A 37 -39.24 -24.90 12.67
CA LYS A 37 -39.89 -26.14 12.25
C LYS A 37 -39.39 -26.60 10.90
N VAL A 38 -38.99 -27.86 10.84
CA VAL A 38 -38.82 -28.52 9.56
C VAL A 38 -39.62 -29.82 9.65
N ASP A 39 -40.59 -29.98 8.75
CA ASP A 39 -41.40 -31.20 8.70
C ASP A 39 -42.05 -31.44 10.05
N GLY A 40 -42.56 -30.36 10.64
CA GLY A 40 -43.32 -30.43 11.86
C GLY A 40 -42.54 -30.61 13.15
N VAL A 41 -41.20 -30.67 13.11
CA VAL A 41 -40.43 -30.75 14.33
C VAL A 41 -39.38 -29.66 14.42
N ASP A 42 -38.93 -29.45 15.63
CA ASP A 42 -38.04 -28.35 15.90
C ASP A 42 -36.60 -28.78 15.60
N VAL A 43 -35.89 -27.96 14.83
CA VAL A 43 -34.50 -28.19 14.49
C VAL A 43 -33.71 -27.02 15.06
N GLU A 44 -32.66 -27.34 15.81
CA GLU A 44 -31.80 -26.33 16.41
C GLU A 44 -31.02 -25.55 15.35
N LEU A 45 -31.19 -24.23 15.32
CA LEU A 45 -30.40 -23.33 14.49
C LEU A 45 -29.20 -22.69 15.21
N PHE A 46 -29.27 -22.48 16.52
CA PHE A 46 -28.23 -21.69 17.17
C PHE A 46 -28.33 -21.93 18.67
N GLU A 47 -27.21 -22.22 19.28
CA GLU A 47 -27.10 -22.28 20.73
C GLU A 47 -26.31 -21.07 21.18
N ASN A 48 -26.93 -20.22 21.95
CA ASN A 48 -26.27 -19.01 22.44
C ASN A 48 -25.28 -19.37 23.53
N LYS A 49 -23.99 -19.25 23.24
CA LYS A 49 -22.98 -19.37 24.29
C LYS A 49 -22.50 -18.01 24.76
N THR A 50 -23.15 -16.91 24.33
CA THR A 50 -22.65 -15.59 24.68
C THR A 50 -23.32 -15.06 25.93
N THR A 51 -22.94 -13.87 26.36
CA THR A 51 -23.62 -13.23 27.48
C THR A 51 -24.68 -12.22 27.03
N LEU A 52 -25.00 -12.22 25.79
CA LEU A 52 -26.03 -11.43 25.15
C LEU A 52 -27.34 -12.20 25.12
N PRO A 53 -28.46 -11.50 25.04
CA PRO A 53 -29.73 -12.21 24.84
C PRO A 53 -29.66 -13.10 23.58
N VAL A 54 -30.27 -14.29 23.69
CA VAL A 54 -30.16 -15.33 22.66
C VAL A 54 -30.54 -14.78 21.28
N ASN A 55 -31.61 -14.00 21.19
CA ASN A 55 -32.00 -13.56 19.86
C ASN A 55 -31.03 -12.53 19.34
N VAL A 56 -30.41 -11.74 20.22
CA VAL A 56 -29.36 -10.83 19.78
C VAL A 56 -28.11 -11.61 19.34
N ALA A 57 -27.61 -12.56 20.16
CA ALA A 57 -26.44 -13.33 19.75
C ALA A 57 -26.68 -14.02 18.40
N PHE A 58 -27.90 -14.51 18.19
CA PHE A 58 -28.22 -15.20 16.98
C PHE A 58 -28.03 -14.30 15.77
N GLU A 59 -28.57 -13.08 15.85
CA GLU A 59 -28.41 -12.15 14.74
C GLU A 59 -26.93 -11.80 14.51
N LEU A 60 -26.19 -11.53 15.59
CA LEU A 60 -24.78 -11.20 15.41
C LEU A 60 -24.04 -12.36 14.74
N TRP A 61 -24.28 -13.57 15.22
CA TRP A 61 -23.67 -14.73 14.63
C TRP A 61 -24.01 -14.82 13.15
N ALA A 62 -25.30 -14.71 12.82
CA ALA A 62 -25.74 -14.79 11.44
C ALA A 62 -25.04 -13.76 10.57
N LYS A 63 -24.68 -12.63 11.15
CA LYS A 63 -24.09 -11.53 10.41
C LYS A 63 -22.59 -11.54 10.47
N ARG A 64 -22.00 -12.64 10.93
CA ARG A 64 -20.57 -12.72 11.06
C ARG A 64 -19.88 -12.48 9.70
N ASN A 65 -18.73 -11.83 9.75
CA ASN A 65 -17.93 -11.68 8.55
C ASN A 65 -17.51 -13.04 8.03
N ILE A 66 -17.84 -13.33 6.78
CA ILE A 66 -17.50 -14.61 6.18
C ILE A 66 -16.39 -14.48 5.16
N LYS A 67 -15.69 -13.37 5.15
CA LYS A 67 -14.42 -13.27 4.45
C LYS A 67 -13.31 -13.56 5.42
N PRO A 68 -12.13 -13.94 4.92
CA PRO A 68 -10.99 -14.09 5.81
C PRO A 68 -10.82 -12.79 6.57
N VAL A 69 -10.63 -12.90 7.88
CA VAL A 69 -10.41 -11.71 8.67
C VAL A 69 -9.24 -11.97 9.62
N PRO A 70 -8.60 -10.92 10.08
CA PRO A 70 -7.54 -11.08 11.07
C PRO A 70 -8.01 -11.94 12.23
N GLU A 71 -7.11 -12.78 12.74
CA GLU A 71 -7.40 -13.53 13.96
C GLU A 71 -7.62 -12.57 15.11
N VAL A 72 -8.48 -12.97 16.04
CA VAL A 72 -8.88 -12.05 17.10
C VAL A 72 -7.68 -11.60 17.92
N LYS A 73 -6.68 -12.48 18.12
CA LYS A 73 -5.53 -12.04 18.90
C LYS A 73 -4.87 -10.79 18.28
N ILE A 74 -4.78 -10.74 16.95
CA ILE A 74 -4.21 -9.57 16.27
C ILE A 74 -5.06 -8.33 16.54
N LEU A 75 -6.37 -8.43 16.30
CA LEU A 75 -7.24 -7.27 16.52
C LEU A 75 -7.11 -6.79 17.95
N ASN A 76 -7.08 -7.74 18.91
CA ASN A 76 -6.89 -7.37 20.30
C ASN A 76 -5.56 -6.67 20.50
N ASN A 77 -4.49 -7.24 19.93
CA ASN A 77 -3.16 -6.67 20.17
C ASN A 77 -3.07 -5.25 19.61
N LEU A 78 -3.82 -4.95 18.54
CA LEU A 78 -3.90 -3.60 17.97
C LEU A 78 -4.93 -2.71 18.66
N GLY A 79 -5.62 -3.16 19.72
CA GLY A 79 -6.52 -2.27 20.45
C GLY A 79 -7.86 -2.00 19.79
N VAL A 80 -8.33 -2.92 18.94
CA VAL A 80 -9.62 -2.77 18.28
C VAL A 80 -10.75 -2.91 19.29
N ASP A 81 -11.64 -1.94 19.30
CA ASP A 81 -12.80 -2.00 20.17
C ASP A 81 -14.07 -2.42 19.44
N ILE A 82 -14.09 -2.29 18.12
CA ILE A 82 -15.35 -2.29 17.42
C ILE A 82 -15.07 -2.36 15.93
N ALA A 83 -15.97 -2.97 15.18
CA ALA A 83 -15.82 -3.08 13.73
C ALA A 83 -16.84 -2.20 13.02
N ALA A 84 -16.40 -1.58 11.91
CA ALA A 84 -17.29 -0.82 11.03
C ALA A 84 -18.19 -1.78 10.22
N ASN A 85 -19.45 -1.87 10.58
CA ASN A 85 -20.43 -2.45 9.65
C ASN A 85 -20.16 -3.92 9.30
N THR A 86 -19.65 -4.69 10.26
CA THR A 86 -19.55 -6.15 10.17
C THR A 86 -19.42 -6.69 11.59
N VAL A 87 -19.38 -8.01 11.73
CA VAL A 87 -19.16 -8.66 13.01
C VAL A 87 -17.96 -9.56 12.88
N ILE A 88 -16.95 -9.36 13.74
CA ILE A 88 -15.88 -10.34 13.82
C ILE A 88 -16.30 -11.37 14.85
N TRP A 89 -16.65 -12.56 14.38
CA TRP A 89 -17.05 -13.63 15.28
C TRP A 89 -15.83 -14.32 15.85
N ASP A 90 -15.79 -14.40 17.17
CA ASP A 90 -14.72 -15.09 17.88
C ASP A 90 -15.10 -16.55 18.00
N TYR A 91 -14.59 -17.37 17.09
CA TYR A 91 -14.95 -18.78 17.07
C TYR A 91 -14.38 -19.52 18.26
N LYS A 92 -13.37 -18.96 18.92
CA LYS A 92 -12.80 -19.64 20.07
C LYS A 92 -13.65 -19.44 21.31
N ARG A 93 -14.30 -18.29 21.44
CA ARG A 93 -15.26 -18.05 22.49
C ARG A 93 -16.72 -18.28 22.07
N ASP A 94 -17.01 -18.70 20.84
CA ASP A 94 -18.38 -18.70 20.31
C ASP A 94 -19.14 -17.43 20.70
N ALA A 95 -18.58 -16.28 20.34
CA ALA A 95 -19.15 -15.02 20.78
C ALA A 95 -18.61 -13.90 19.89
N PRO A 96 -19.33 -12.79 19.79
CA PRO A 96 -18.79 -11.61 19.09
C PRO A 96 -17.46 -11.20 19.72
N ALA A 97 -16.48 -10.85 18.88
CA ALA A 97 -15.23 -10.40 19.45
C ALA A 97 -15.37 -9.02 20.07
N HIS A 98 -16.34 -8.24 19.69
CA HIS A 98 -16.47 -6.91 20.22
C HIS A 98 -17.83 -6.77 20.90
N ILE A 99 -17.86 -5.91 21.93
CA ILE A 99 -19.08 -5.68 22.71
C ILE A 99 -20.20 -5.09 21.88
N SER A 100 -19.88 -4.07 21.08
CA SER A 100 -20.89 -3.28 20.41
C SER A 100 -20.67 -3.42 18.91
N THR A 101 -21.61 -2.87 18.17
CA THR A 101 -21.57 -2.86 16.73
C THR A 101 -21.88 -1.45 16.21
N ILE A 102 -21.64 -1.29 14.91
CA ILE A 102 -21.93 -0.11 14.14
C ILE A 102 -22.65 -0.58 12.89
N GLY A 103 -23.93 -0.24 12.76
CA GLY A 103 -24.63 -0.55 11.52
C GLY A 103 -24.95 -2.02 11.28
N VAL A 104 -25.01 -2.82 12.31
CA VAL A 104 -25.26 -4.26 12.19
C VAL A 104 -26.60 -4.67 12.82
N CYS A 105 -26.85 -4.24 14.04
CA CYS A 105 -27.91 -4.87 14.82
C CYS A 105 -28.47 -3.85 15.79
N SER A 106 -29.80 -3.75 15.84
CA SER A 106 -30.35 -2.61 16.55
C SER A 106 -30.21 -2.72 18.07
N MET A 107 -30.09 -3.94 18.65
CA MET A 107 -29.84 -4.02 20.10
C MET A 107 -28.40 -3.70 20.48
N THR A 108 -27.42 -3.92 19.60
CA THR A 108 -26.04 -3.71 19.99
C THR A 108 -25.41 -2.49 19.32
N ASP A 109 -26.06 -1.89 18.32
CA ASP A 109 -25.45 -0.75 17.63
C ASP A 109 -25.29 0.42 18.59
N ILE A 110 -24.12 1.04 18.57
CA ILE A 110 -23.97 2.35 19.15
C ILE A 110 -24.05 3.45 18.10
N ALA A 111 -24.14 3.11 16.81
CA ALA A 111 -23.96 4.00 15.67
C ALA A 111 -24.42 3.23 14.46
N LYS A 112 -24.86 3.97 13.45
CA LYS A 112 -25.15 3.38 12.15
C LYS A 112 -23.91 3.47 11.27
N LYS A 113 -23.07 4.46 11.53
CA LYS A 113 -21.94 4.69 10.69
C LYS A 113 -20.76 5.09 11.56
N PRO A 114 -19.56 4.65 11.20
CA PRO A 114 -18.36 4.96 12.03
C PRO A 114 -18.00 6.45 12.08
N THR A 115 -18.65 7.30 11.29
CA THR A 115 -18.39 8.72 11.35
C THR A 115 -19.13 9.40 12.50
N GLU A 116 -20.05 8.69 13.16
CA GLU A 116 -20.81 9.28 14.24
C GLU A 116 -19.89 9.56 15.42
N THR A 117 -20.17 10.66 16.14
CA THR A 117 -19.18 11.12 17.09
C THR A 117 -18.92 10.11 18.21
N ILE A 118 -19.90 9.28 18.60
CA ILE A 118 -19.60 8.23 19.60
C ILE A 118 -18.45 7.31 19.16
N CYS A 119 -18.19 7.18 17.87
CA CYS A 119 -17.16 6.24 17.45
C CYS A 119 -15.78 6.83 17.49
N ALA A 120 -15.67 8.13 17.62
CA ALA A 120 -14.37 8.76 17.45
C ALA A 120 -13.33 8.31 18.48
N PRO A 121 -13.66 8.14 19.77
CA PRO A 121 -12.66 7.62 20.73
C PRO A 121 -12.34 6.13 20.58
N LEU A 122 -13.27 5.34 20.06
CA LEU A 122 -13.09 3.90 19.86
C LEU A 122 -12.18 3.60 18.69
N THR A 123 -11.35 2.60 18.85
CA THR A 123 -10.56 2.15 17.71
C THR A 123 -11.44 1.23 16.83
N VAL A 124 -11.78 1.72 15.69
CA VAL A 124 -12.71 1.11 14.78
C VAL A 124 -11.95 0.32 13.75
N PHE A 125 -12.37 -0.93 13.53
CA PHE A 125 -11.74 -1.81 12.56
C PHE A 125 -12.37 -1.56 11.20
N PHE A 126 -11.53 -1.26 10.19
CA PHE A 126 -11.91 -0.95 8.81
C PHE A 126 -11.31 -1.98 7.85
N ASP A 127 -12.07 -2.30 6.82
CA ASP A 127 -11.78 -3.37 5.86
C ASP A 127 -11.76 -2.73 4.48
N GLY A 128 -10.57 -2.51 3.94
CA GLY A 128 -10.43 -1.82 2.67
C GLY A 128 -10.93 -2.65 1.50
N ARG A 129 -11.15 -3.95 1.71
CA ARG A 129 -11.91 -4.68 0.71
C ARG A 129 -13.37 -4.24 0.60
N VAL A 130 -13.86 -3.40 1.47
CA VAL A 130 -15.21 -2.88 1.35
C VAL A 130 -15.13 -1.43 0.90
N ASP A 131 -15.92 -1.09 -0.12
CA ASP A 131 -15.92 0.26 -0.67
C ASP A 131 -16.17 1.30 0.42
N GLY A 132 -15.41 2.39 0.35
CA GLY A 132 -15.53 3.50 1.25
C GLY A 132 -14.82 3.31 2.57
N GLN A 133 -14.42 2.10 2.91
CA GLN A 133 -13.88 1.94 4.24
C GLN A 133 -12.47 2.50 4.41
N VAL A 134 -11.60 2.44 3.37
CA VAL A 134 -10.33 3.19 3.43
C VAL A 134 -10.59 4.67 3.74
N ASP A 135 -11.51 5.28 3.03
CA ASP A 135 -11.79 6.70 3.25
C ASP A 135 -12.23 6.93 4.67
N LEU A 136 -13.03 5.99 5.20
CA LEU A 136 -13.56 6.16 6.56
C LEU A 136 -12.44 6.01 7.59
N PHE A 137 -11.44 5.19 7.31
CA PHE A 137 -10.25 5.17 8.14
C PHE A 137 -9.58 6.53 8.15
N ARG A 138 -9.38 7.12 6.96
CA ARG A 138 -8.72 8.43 6.91
C ARG A 138 -9.49 9.44 7.74
N ASN A 139 -10.79 9.32 7.80
CA ASN A 139 -11.50 10.33 8.56
C ASN A 139 -11.66 9.99 10.03
N ALA A 140 -11.38 8.76 10.44
CA ALA A 140 -11.64 8.33 11.79
C ALA A 140 -10.54 8.83 12.73
N ARG A 141 -10.91 9.22 13.94
CA ARG A 141 -9.90 9.61 14.90
C ARG A 141 -9.09 8.42 15.36
N ASN A 142 -9.69 7.24 15.43
CA ASN A 142 -9.02 6.05 15.91
C ASN A 142 -9.45 4.87 15.06
N GLY A 143 -8.50 4.03 14.70
CA GLY A 143 -8.89 2.90 13.90
C GLY A 143 -7.73 1.98 13.56
N VAL A 144 -8.12 0.82 13.05
CA VAL A 144 -7.22 -0.14 12.43
C VAL A 144 -7.81 -0.48 11.08
N LEU A 145 -6.99 -0.42 10.05
CA LEU A 145 -7.39 -0.64 8.67
C LEU A 145 -6.60 -1.82 8.13
N ILE A 146 -7.29 -2.74 7.43
CA ILE A 146 -6.61 -3.74 6.61
C ILE A 146 -6.92 -3.50 5.14
N THR A 147 -5.90 -3.76 4.30
CA THR A 147 -6.07 -3.72 2.84
C THR A 147 -5.31 -4.87 2.21
N GLU A 148 -5.72 -5.19 1.00
CA GLU A 148 -5.04 -6.16 0.16
C GLU A 148 -3.91 -5.54 -0.63
N GLY A 149 -3.92 -4.26 -0.81
CA GLY A 149 -2.83 -3.61 -1.53
C GLY A 149 -2.52 -2.24 -0.98
N SER A 150 -2.02 -1.41 -1.86
CA SER A 150 -1.33 -0.21 -1.45
C SER A 150 -2.32 0.92 -1.30
N VAL A 151 -2.08 1.76 -0.28
CA VAL A 151 -2.94 2.92 -0.05
C VAL A 151 -2.06 4.14 -0.14
N LYS A 152 -2.42 5.07 -1.03
CA LYS A 152 -1.46 6.10 -1.40
C LYS A 152 -1.10 6.94 -0.19
N GLY A 153 0.19 7.00 0.10
CA GLY A 153 0.70 7.77 1.21
C GLY A 153 0.78 7.01 2.52
N LEU A 154 -0.06 6.00 2.72
CA LEU A 154 -0.09 5.32 3.99
C LEU A 154 1.01 4.26 4.06
N GLN A 155 1.93 4.43 4.98
CA GLN A 155 3.01 3.45 5.10
C GLN A 155 2.47 2.12 5.64
N PRO A 156 2.65 1.02 4.93
CA PRO A 156 2.01 -0.22 5.35
C PRO A 156 2.84 -0.99 6.37
N SER A 157 2.16 -1.86 7.12
CA SER A 157 2.82 -2.93 7.86
C SER A 157 2.31 -4.25 7.30
N VAL A 158 3.22 -5.15 6.95
CA VAL A 158 2.78 -6.44 6.43
C VAL A 158 2.30 -7.32 7.59
N GLY A 159 1.05 -7.74 7.55
CA GLY A 159 0.55 -8.57 8.62
C GLY A 159 0.99 -10.01 8.50
N PRO A 160 0.41 -10.87 9.34
CA PRO A 160 0.70 -12.30 9.24
C PRO A 160 0.24 -12.91 7.94
N LYS A 161 0.81 -14.07 7.62
CA LYS A 161 0.40 -14.76 6.42
C LYS A 161 -1.00 -15.28 6.53
N GLN A 162 -1.41 -15.69 7.75
CA GLN A 162 -2.63 -16.43 7.98
C GLN A 162 -3.76 -15.49 8.37
N ALA A 163 -4.97 -15.87 8.02
CA ALA A 163 -6.16 -15.20 8.53
C ALA A 163 -7.20 -16.26 8.87
N SER A 164 -8.30 -15.84 9.49
CA SER A 164 -9.38 -16.73 9.89
C SER A 164 -10.54 -16.60 8.90
N LEU A 165 -10.95 -17.71 8.33
CA LEU A 165 -12.13 -17.76 7.49
C LEU A 165 -13.14 -18.71 8.14
N ASN A 166 -14.30 -18.17 8.54
CA ASN A 166 -15.32 -18.94 9.26
C ASN A 166 -14.70 -19.85 10.32
N GLY A 167 -13.77 -19.29 11.08
CA GLY A 167 -13.20 -20.01 12.19
C GLY A 167 -12.05 -20.91 11.85
N VAL A 168 -11.73 -21.08 10.58
CA VAL A 168 -10.56 -21.83 10.16
C VAL A 168 -9.41 -20.87 9.93
N THR A 169 -8.33 -21.04 10.64
CA THR A 169 -7.14 -20.26 10.42
C THR A 169 -6.31 -20.86 9.29
N LEU A 170 -6.02 -20.06 8.27
CA LEU A 170 -5.40 -20.62 7.09
C LEU A 170 -4.59 -19.54 6.38
N ILE A 171 -3.62 -20.00 5.61
CA ILE A 171 -2.89 -19.18 4.68
C ILE A 171 -3.59 -19.30 3.34
N GLY A 172 -4.07 -18.17 2.82
CA GLY A 172 -4.95 -18.22 1.67
C GLY A 172 -4.24 -18.61 0.37
N GLU A 173 -4.91 -19.43 -0.44
CA GLU A 173 -4.48 -19.78 -1.80
C GLU A 173 -5.49 -19.37 -2.86
N ALA A 174 -6.74 -19.74 -2.70
CA ALA A 174 -7.78 -19.17 -3.55
C ALA A 174 -8.28 -17.83 -3.04
N VAL A 175 -7.78 -17.38 -1.89
CA VAL A 175 -8.16 -16.09 -1.33
C VAL A 175 -6.93 -15.52 -0.68
N LYS A 176 -7.00 -14.24 -0.40
CA LYS A 176 -5.86 -13.53 0.11
C LYS A 176 -6.09 -13.38 1.61
N THR A 177 -5.11 -13.79 2.40
CA THR A 177 -5.18 -13.65 3.83
C THR A 177 -4.05 -12.81 4.40
N GLN A 178 -3.05 -12.43 3.60
CA GLN A 178 -1.99 -11.55 4.07
C GLN A 178 -2.36 -10.11 3.78
N PHE A 179 -2.55 -9.31 4.82
CA PHE A 179 -3.02 -7.95 4.68
C PHE A 179 -1.94 -6.93 5.01
N ASN A 180 -2.06 -5.74 4.44
CA ASN A 180 -1.42 -4.56 4.98
C ASN A 180 -2.25 -4.12 6.16
N TYR A 181 -1.59 -3.72 7.25
CA TYR A 181 -2.26 -3.22 8.47
C TYR A 181 -1.93 -1.76 8.68
N TYR A 182 -2.92 -0.94 9.08
CA TYR A 182 -2.43 0.38 9.39
C TYR A 182 -3.19 0.76 10.67
N LYS A 183 -2.65 1.70 11.45
CA LYS A 183 -3.32 2.06 12.69
C LYS A 183 -3.28 3.56 12.89
N LYS A 184 -4.32 4.08 13.54
CA LYS A 184 -4.47 5.48 13.86
C LYS A 184 -4.85 5.63 15.32
N VAL A 185 -4.09 6.44 16.06
CA VAL A 185 -4.41 6.87 17.42
C VAL A 185 -4.57 8.38 17.44
N ASP A 186 -5.71 8.85 17.96
CA ASP A 186 -5.94 10.27 18.20
C ASP A 186 -5.72 11.10 16.93
N GLY A 187 -6.30 10.66 15.85
CA GLY A 187 -6.15 11.40 14.62
C GLY A 187 -4.85 11.18 13.92
N VAL A 188 -3.89 10.49 14.52
CA VAL A 188 -2.54 10.42 13.95
C VAL A 188 -2.19 9.01 13.55
N VAL A 189 -1.83 8.81 12.29
CA VAL A 189 -1.37 7.49 11.86
C VAL A 189 -0.22 7.08 12.74
N GLN A 190 -0.19 5.82 13.13
CA GLN A 190 0.85 5.37 14.03
C GLN A 190 1.72 4.37 13.27
N GLN A 191 2.99 4.37 13.58
CA GLN A 191 3.95 3.45 12.99
C GLN A 191 3.81 2.09 13.67
N LEU A 192 3.46 1.06 12.93
CA LEU A 192 3.39 -0.25 13.53
C LEU A 192 4.81 -0.78 13.76
N PRO A 193 5.10 -1.33 14.93
CA PRO A 193 6.44 -1.86 15.20
C PRO A 193 6.77 -3.01 14.25
N GLU A 194 8.06 -3.18 13.99
CA GLU A 194 8.56 -4.46 13.53
C GLU A 194 8.13 -5.53 14.53
N THR A 195 7.94 -6.75 14.05
CA THR A 195 7.28 -7.75 14.87
C THR A 195 7.50 -9.12 14.27
N TYR A 196 7.55 -10.13 15.14
CA TYR A 196 7.32 -11.50 14.71
C TYR A 196 5.83 -11.77 14.70
N PHE A 197 5.45 -12.90 14.12
CA PHE A 197 4.06 -13.35 14.15
C PHE A 197 4.00 -14.77 14.67
N THR A 198 3.02 -15.07 15.54
CA THR A 198 2.81 -16.45 15.95
C THR A 198 2.19 -17.19 14.78
N GLN A 199 2.32 -18.52 14.80
CA GLN A 199 2.00 -19.34 13.64
C GLN A 199 0.59 -19.92 13.68
N SER A 200 -0.06 -19.90 14.84
CA SER A 200 -1.46 -20.30 14.96
C SER A 200 -1.70 -21.78 14.63
N ARG A 201 -0.76 -22.65 14.99
CA ARG A 201 -0.93 -24.06 14.68
C ARG A 201 -1.60 -24.79 15.84
N ASN A 202 -2.36 -25.85 15.52
CA ASN A 202 -2.93 -26.77 16.51
C ASN A 202 -1.91 -27.80 16.86
N LEU A 203 -2.18 -28.47 17.97
CA LEU A 203 -1.25 -29.51 18.40
C LEU A 203 -1.57 -30.83 17.69
N GLN A 204 -2.85 -31.07 17.37
CA GLN A 204 -3.26 -32.26 16.63
C GLN A 204 -2.79 -32.20 15.18
N GLU A 205 -2.76 -31.01 14.59
CA GLU A 205 -2.53 -30.84 13.16
C GLU A 205 -1.18 -30.24 12.83
N PHE A 206 -0.20 -30.32 13.74
CA PHE A 206 1.01 -29.53 13.59
C PHE A 206 1.84 -29.94 12.38
N LYS A 207 2.19 -28.97 11.53
CA LYS A 207 3.06 -29.20 10.38
C LYS A 207 4.26 -28.26 10.47
N PRO A 208 5.49 -28.77 10.38
CA PRO A 208 6.66 -27.88 10.43
C PRO A 208 6.66 -26.96 9.22
N ARG A 209 7.38 -25.85 9.33
CA ARG A 209 7.33 -24.85 8.27
C ARG A 209 8.72 -24.33 7.89
N SER A 210 9.75 -25.12 8.13
CA SER A 210 11.13 -24.74 7.87
C SER A 210 11.98 -25.99 8.04
N GLN A 211 13.12 -26.01 7.33
CA GLN A 211 13.99 -27.17 7.46
C GLN A 211 14.38 -27.39 8.93
N MET A 212 14.65 -26.28 9.64
CA MET A 212 14.93 -26.38 11.07
C MET A 212 13.80 -27.12 11.79
N GLU A 213 12.54 -26.79 11.49
CA GLU A 213 11.44 -27.41 12.22
C GLU A 213 11.28 -28.87 11.81
N ILE A 214 11.52 -29.18 10.54
CA ILE A 214 11.56 -30.59 10.18
C ILE A 214 12.64 -31.30 10.98
N ASP A 215 13.76 -30.63 11.24
CA ASP A 215 14.83 -31.27 11.97
C ASP A 215 14.45 -31.50 13.42
N PHE A 216 13.82 -30.50 14.04
CA PHE A 216 13.40 -30.64 15.43
C PHE A 216 12.46 -31.84 15.61
N LEU A 217 11.48 -31.96 14.71
CA LEU A 217 10.50 -33.04 14.82
C LEU A 217 11.13 -34.39 14.57
N GLU A 218 12.11 -34.44 13.66
CA GLU A 218 12.67 -35.69 13.17
C GLU A 218 13.90 -36.13 13.93
N LEU A 219 14.78 -35.23 14.33
CA LEU A 219 16.03 -35.64 14.94
C LEU A 219 15.85 -35.89 16.43
N ALA A 220 16.80 -36.63 17.00
CA ALA A 220 16.91 -36.75 18.44
C ALA A 220 17.37 -35.43 19.04
N MET A 221 17.22 -35.32 20.37
CA MET A 221 17.43 -34.03 21.03
C MET A 221 18.87 -33.55 20.90
N ASP A 222 19.84 -34.45 21.10
CA ASP A 222 21.25 -34.06 21.10
C ASP A 222 21.74 -33.77 19.69
N GLU A 223 21.31 -34.58 18.71
CA GLU A 223 21.59 -34.27 17.32
C GLU A 223 21.14 -32.86 16.97
N PHE A 224 19.84 -32.59 17.16
CA PHE A 224 19.29 -31.29 16.80
C PHE A 224 20.04 -30.17 17.50
N ILE A 225 20.25 -30.29 18.82
CA ILE A 225 20.94 -29.24 19.53
C ILE A 225 22.34 -29.04 18.95
N GLU A 226 23.04 -30.13 18.60
CA GLU A 226 24.31 -29.95 17.93
C GLU A 226 24.13 -29.29 16.57
N ARG A 227 23.27 -29.85 15.72
CA ARG A 227 23.22 -29.39 14.33
C ARG A 227 22.97 -27.89 14.20
N TYR A 228 22.26 -27.28 15.15
CA TYR A 228 21.97 -25.85 15.08
C TYR A 228 22.71 -25.08 16.16
N LYS A 229 23.77 -25.67 16.73
CA LYS A 229 24.69 -24.92 17.57
C LYS A 229 23.99 -24.28 18.75
N LEU A 230 23.15 -25.06 19.42
CA LEU A 230 22.31 -24.52 20.49
C LEU A 230 22.82 -24.88 21.90
N GLU A 231 24.02 -25.45 22.00
CA GLU A 231 24.61 -25.75 23.30
C GLU A 231 24.61 -24.51 24.19
N GLY A 232 24.31 -24.71 25.47
CA GLY A 232 24.25 -23.58 26.38
C GLY A 232 22.97 -22.75 26.31
N TYR A 233 22.03 -23.09 25.42
CA TYR A 233 20.79 -22.34 25.30
C TYR A 233 19.58 -23.03 25.94
N ALA A 234 19.77 -24.20 26.53
CA ALA A 234 18.78 -24.83 27.39
C ALA A 234 17.51 -25.18 26.63
N PHE A 235 17.62 -25.47 25.34
CA PHE A 235 16.43 -26.03 24.72
C PHE A 235 16.00 -27.33 25.37
N GLU A 236 16.91 -28.01 26.08
CA GLU A 236 16.55 -29.26 26.74
C GLU A 236 15.35 -29.02 27.63
N HIS A 237 15.41 -27.93 28.40
CA HIS A 237 14.36 -27.39 29.25
C HIS A 237 13.31 -26.62 28.44
N ILE A 238 13.70 -25.48 27.85
CA ILE A 238 12.72 -24.53 27.30
C ILE A 238 11.81 -25.19 26.27
N VAL A 239 12.37 -26.00 25.37
CA VAL A 239 11.66 -26.43 24.20
C VAL A 239 11.33 -27.91 24.25
N TYR A 240 12.26 -28.72 24.73
CA TYR A 240 12.00 -30.14 24.77
C TYR A 240 11.08 -30.46 25.95
N GLY A 241 11.24 -29.75 27.06
CA GLY A 241 10.48 -30.00 28.26
C GLY A 241 11.16 -31.02 29.15
N ASP A 242 11.25 -30.69 30.43
CA ASP A 242 11.76 -31.56 31.48
C ASP A 242 10.57 -32.20 32.20
N PHE A 243 10.47 -33.52 32.08
CA PHE A 243 9.36 -34.25 32.67
C PHE A 243 9.79 -35.10 33.86
N SER A 244 10.97 -34.85 34.42
CA SER A 244 11.54 -35.77 35.40
C SER A 244 11.06 -35.49 36.81
N HIS A 245 10.68 -34.27 37.10
CA HIS A 245 10.23 -33.84 38.40
C HIS A 245 8.72 -33.64 38.38
N SER A 246 8.16 -33.46 39.59
CA SER A 246 6.71 -33.37 39.66
C SER A 246 6.24 -32.10 38.99
N GLN A 247 7.02 -31.02 39.12
CA GLN A 247 6.73 -29.83 38.32
C GLN A 247 7.41 -29.98 36.96
N LEU A 248 6.57 -30.11 35.92
CA LEU A 248 7.02 -30.10 34.55
C LEU A 248 7.85 -28.85 34.26
N GLY A 249 9.06 -29.05 33.75
CA GLY A 249 10.00 -27.96 33.55
C GLY A 249 9.98 -27.45 32.10
N GLY A 250 10.03 -26.12 31.99
CA GLY A 250 10.05 -25.47 30.67
C GLY A 250 8.84 -25.79 29.81
N LEU A 251 9.11 -26.15 28.56
CA LEU A 251 8.10 -26.57 27.58
C LEU A 251 7.20 -25.43 27.11
N HIS A 252 7.76 -24.36 26.58
CA HIS A 252 7.00 -23.15 26.26
C HIS A 252 6.81 -22.90 24.76
N LEU A 253 7.28 -23.78 23.89
CA LEU A 253 7.12 -23.66 22.45
C LEU A 253 6.18 -24.74 21.94
N LEU A 254 5.23 -24.34 21.09
CA LEU A 254 4.22 -25.30 20.67
C LEU A 254 4.88 -26.49 20.00
N ILE A 255 5.90 -26.25 19.18
CA ILE A 255 6.53 -27.35 18.45
C ILE A 255 7.04 -28.42 19.42
N GLY A 256 7.56 -28.00 20.58
CA GLY A 256 7.95 -28.94 21.62
C GLY A 256 6.79 -29.77 22.13
N LEU A 257 5.66 -29.13 22.41
CA LEU A 257 4.47 -29.91 22.71
C LEU A 257 4.16 -30.88 21.58
N ALA A 258 4.31 -30.43 20.34
CA ALA A 258 3.97 -31.27 19.19
C ALA A 258 4.86 -32.50 19.13
N LYS A 259 6.15 -32.32 19.40
CA LYS A 259 7.04 -33.45 19.39
C LYS A 259 6.59 -34.48 20.43
N ARG A 260 6.50 -34.06 21.69
CA ARG A 260 6.04 -34.92 22.77
C ARG A 260 4.71 -35.59 22.46
N PHE A 261 3.79 -34.86 21.83
CA PHE A 261 2.46 -35.44 21.60
C PHE A 261 2.51 -36.67 20.68
N LYS A 262 3.47 -36.73 19.75
CA LYS A 262 3.63 -37.94 18.93
C LYS A 262 3.95 -39.15 19.79
N GLU A 263 4.82 -38.95 20.76
CA GLU A 263 5.25 -40.00 21.69
C GLU A 263 4.13 -40.39 22.68
N SER A 264 3.63 -39.42 23.44
CA SER A 264 2.67 -39.69 24.49
C SER A 264 1.71 -38.50 24.58
N PRO A 265 0.50 -38.75 25.03
CA PRO A 265 -0.50 -37.66 25.12
C PRO A 265 -0.32 -36.83 26.37
N PHE A 266 -0.98 -35.68 26.39
CA PHE A 266 -1.09 -34.91 27.62
C PHE A 266 -2.33 -34.02 27.60
N GLU A 267 -2.70 -33.57 28.81
CA GLU A 267 -3.87 -32.73 29.03
C GLU A 267 -3.46 -31.27 29.12
N LEU A 268 -4.13 -30.43 28.36
CA LEU A 268 -3.93 -28.99 28.37
C LEU A 268 -5.22 -28.35 28.84
N GLU A 269 -5.26 -27.87 30.07
CA GLU A 269 -6.46 -27.21 30.49
C GLU A 269 -6.32 -25.75 30.10
N ASP A 270 -7.19 -25.30 29.19
CA ASP A 270 -7.22 -23.94 28.65
C ASP A 270 -8.15 -23.10 29.54
N PHE A 271 -7.62 -22.76 30.72
CA PHE A 271 -8.47 -22.17 31.74
C PHE A 271 -8.81 -20.70 31.49
N ILE A 272 -8.25 -20.04 30.48
CA ILE A 272 -8.77 -18.74 30.00
C ILE A 272 -8.99 -18.87 28.51
N PRO A 273 -10.02 -19.56 28.06
CA PRO A 273 -10.14 -19.86 26.64
C PRO A 273 -10.48 -18.64 25.79
N MET A 274 -9.48 -17.84 25.47
CA MET A 274 -9.60 -16.83 24.45
C MET A 274 -8.39 -16.93 23.53
N ASP A 275 -8.50 -16.37 22.35
CA ASP A 275 -7.35 -16.28 21.44
C ASP A 275 -6.31 -15.36 22.04
N SER A 276 -5.06 -15.82 22.26
CA SER A 276 -4.04 -14.79 22.47
C SER A 276 -2.64 -15.22 22.03
N THR A 277 -1.76 -14.21 21.96
CA THR A 277 -0.43 -14.45 21.44
C THR A 277 0.31 -15.48 22.28
N VAL A 278 0.23 -15.36 23.60
CA VAL A 278 0.76 -16.36 24.53
C VAL A 278 -0.42 -17.05 25.23
N LYS A 279 -0.44 -18.38 25.21
CA LYS A 279 -1.49 -19.12 25.86
C LYS A 279 -0.98 -19.67 27.18
N ASN A 280 -1.85 -19.75 28.18
CA ASN A 280 -1.51 -20.39 29.44
C ASN A 280 -2.31 -21.68 29.61
N TYR A 281 -1.63 -22.79 29.88
CA TYR A 281 -2.34 -24.02 30.12
C TYR A 281 -1.94 -24.61 31.46
N PHE A 282 -2.88 -25.33 32.05
CA PHE A 282 -2.55 -26.17 33.18
C PHE A 282 -2.30 -27.55 32.58
N ILE A 283 -1.02 -27.92 32.53
CA ILE A 283 -0.60 -29.08 31.74
C ILE A 283 -0.30 -30.29 32.64
N THR A 284 -0.79 -31.46 32.23
CA THR A 284 -0.57 -32.71 32.93
C THR A 284 -0.05 -33.73 31.92
N ASP A 285 1.17 -34.20 32.11
CA ASP A 285 1.76 -35.16 31.19
C ASP A 285 1.28 -36.56 31.52
N ALA A 286 0.66 -37.24 30.55
CA ALA A 286 0.01 -38.53 30.87
C ALA A 286 1.00 -39.63 31.18
N GLN A 287 2.18 -39.61 30.55
CA GLN A 287 3.14 -40.68 30.73
C GLN A 287 3.81 -40.63 32.11
N THR A 288 4.24 -39.44 32.52
CA THR A 288 5.06 -39.29 33.71
C THR A 288 4.30 -38.75 34.92
N GLY A 289 3.15 -38.11 34.68
CA GLY A 289 2.46 -37.37 35.71
C GLY A 289 3.14 -36.10 36.13
N SER A 290 4.24 -35.73 35.48
CA SER A 290 4.76 -34.37 35.63
C SER A 290 3.69 -33.35 35.24
N SER A 291 3.59 -32.23 35.95
CA SER A 291 2.58 -31.25 35.60
C SER A 291 3.01 -29.82 35.98
N LYS A 292 2.21 -28.83 35.55
CA LYS A 292 2.41 -27.41 35.87
C LYS A 292 1.10 -26.63 35.69
N CYS A 293 0.73 -25.87 36.72
CA CYS A 293 -0.52 -25.12 36.74
C CYS A 293 -0.58 -24.06 35.64
N VAL A 294 0.49 -23.31 35.47
CA VAL A 294 0.50 -22.14 34.58
C VAL A 294 1.72 -22.34 33.68
N CYS A 295 1.50 -22.97 32.54
CA CYS A 295 2.53 -23.24 31.57
C CYS A 295 2.27 -22.34 30.39
N SER A 296 3.08 -21.29 30.24
CA SER A 296 2.90 -20.42 29.08
C SER A 296 3.46 -21.09 27.83
N VAL A 297 2.67 -21.08 26.76
CA VAL A 297 3.05 -21.66 25.48
C VAL A 297 2.81 -20.62 24.39
N ILE A 298 3.80 -20.46 23.51
CA ILE A 298 3.70 -19.66 22.29
C ILE A 298 4.05 -20.53 21.09
N ASP A 299 3.43 -20.24 19.96
CA ASP A 299 3.73 -20.94 18.72
C ASP A 299 4.50 -19.99 17.81
N LEU A 300 5.80 -19.85 18.08
CA LEU A 300 6.72 -19.20 17.14
C LEU A 300 7.32 -20.26 16.22
N LEU A 301 7.53 -19.88 14.96
CA LEU A 301 8.43 -20.65 14.13
C LEU A 301 9.73 -20.84 14.88
N LEU A 302 10.26 -22.06 14.84
CA LEU A 302 11.41 -22.35 15.69
C LEU A 302 12.61 -21.46 15.31
N ASP A 303 12.89 -21.36 14.01
CA ASP A 303 13.80 -20.36 13.43
C ASP A 303 13.69 -19.03 14.16
N ASP A 304 12.47 -18.49 14.28
CA ASP A 304 12.30 -17.21 14.93
C ASP A 304 12.66 -17.29 16.41
N PHE A 305 12.29 -18.39 17.08
CA PHE A 305 12.59 -18.46 18.51
C PHE A 305 14.10 -18.59 18.74
N VAL A 306 14.78 -19.40 17.91
CA VAL A 306 16.24 -19.50 17.94
C VAL A 306 16.89 -18.13 17.75
N GLU A 307 16.39 -17.36 16.77
CA GLU A 307 16.95 -16.03 16.51
C GLU A 307 16.76 -15.11 17.70
N ILE A 308 15.61 -15.22 18.37
CA ILE A 308 15.35 -14.36 19.53
C ILE A 308 16.30 -14.70 20.67
N ILE A 309 16.46 -16.00 20.96
CA ILE A 309 17.23 -16.37 22.15
C ILE A 309 18.73 -16.18 21.89
N LYS A 310 19.19 -16.50 20.68
CA LYS A 310 20.60 -16.31 20.38
C LYS A 310 21.01 -14.85 20.44
N SER A 311 20.09 -13.92 20.15
CA SER A 311 20.42 -12.50 20.12
C SER A 311 20.58 -11.88 21.50
N GLN A 312 20.44 -12.67 22.56
CA GLN A 312 20.37 -12.14 23.92
C GLN A 312 21.74 -12.07 24.55
N ASP A 313 21.95 -11.04 25.36
CA ASP A 313 23.10 -11.03 26.24
C ASP A 313 22.87 -12.03 27.37
N LEU A 314 23.85 -12.91 27.59
CA LEU A 314 23.71 -14.00 28.56
C LEU A 314 24.48 -13.77 29.86
N SER A 315 24.72 -12.51 30.25
CA SER A 315 25.69 -12.26 31.30
C SER A 315 25.06 -11.71 32.59
N VAL A 316 23.77 -11.84 32.74
CA VAL A 316 23.08 -11.42 33.96
C VAL A 316 22.29 -12.62 34.47
N VAL A 317 21.98 -12.61 35.76
CA VAL A 317 21.22 -13.73 36.33
C VAL A 317 19.81 -13.73 35.76
N SER A 318 19.15 -12.59 35.82
CA SER A 318 17.75 -12.48 35.44
C SER A 318 17.54 -11.14 34.79
N LYS A 319 16.78 -11.11 33.70
CA LYS A 319 16.30 -9.83 33.21
C LYS A 319 15.03 -10.03 32.39
N VAL A 320 14.26 -8.96 32.29
CA VAL A 320 13.05 -8.97 31.45
C VAL A 320 13.45 -8.61 30.03
N VAL A 321 13.13 -9.48 29.09
CA VAL A 321 13.43 -9.30 27.67
C VAL A 321 12.11 -9.04 26.93
N LYS A 322 12.00 -7.87 26.28
CA LYS A 322 10.78 -7.48 25.58
C LYS A 322 10.88 -7.88 24.10
N VAL A 323 9.96 -8.70 23.63
CA VAL A 323 9.92 -9.07 22.21
C VAL A 323 8.56 -8.74 21.61
N THR A 324 8.59 -8.11 20.44
CA THR A 324 7.39 -7.70 19.76
C THR A 324 6.87 -8.86 18.92
N ILE A 325 5.67 -9.35 19.28
CA ILE A 325 5.05 -10.51 18.64
C ILE A 325 3.58 -10.21 18.40
N ASP A 326 3.12 -10.50 17.21
CA ASP A 326 1.76 -10.14 16.82
C ASP A 326 1.45 -8.70 17.19
N TYR A 327 2.46 -7.82 17.05
CA TYR A 327 2.35 -6.37 17.24
C TYR A 327 2.30 -5.99 18.73
N THR A 328 2.22 -6.95 19.64
CA THR A 328 2.14 -6.62 21.05
C THR A 328 3.47 -6.89 21.68
N GLU A 329 3.71 -6.35 22.86
CA GLU A 329 5.09 -6.41 23.28
C GLU A 329 5.10 -7.54 24.35
N ILE A 330 5.68 -8.70 24.04
CA ILE A 330 5.66 -9.86 24.93
C ILE A 330 6.90 -9.85 25.83
N SER A 331 6.69 -9.82 27.15
CA SER A 331 7.81 -9.92 28.09
C SER A 331 8.21 -11.37 28.34
N PHE A 332 9.52 -11.64 28.29
CA PHE A 332 10.06 -12.92 28.67
C PHE A 332 10.98 -12.77 29.87
N MET A 333 11.08 -13.83 30.65
CA MET A 333 12.07 -13.88 31.71
C MET A 333 13.27 -14.67 31.18
N LEU A 334 14.46 -14.09 31.33
CA LEU A 334 15.71 -14.70 30.91
C LEU A 334 16.57 -14.94 32.14
N TRP A 335 16.78 -16.20 32.48
CA TRP A 335 17.62 -16.58 33.60
C TRP A 335 18.88 -17.26 33.10
N CYS A 336 20.03 -16.76 33.52
CA CYS A 336 21.31 -17.27 33.04
C CYS A 336 22.21 -17.64 34.20
N LYS A 337 23.27 -18.40 33.88
CA LYS A 337 24.34 -18.73 34.82
C LYS A 337 25.60 -18.97 34.02
N ASP A 338 26.71 -18.31 34.42
CA ASP A 338 28.02 -18.53 33.78
C ASP A 338 27.89 -18.51 32.26
N GLY A 339 27.15 -17.52 31.74
CA GLY A 339 27.04 -17.34 30.30
C GLY A 339 26.36 -18.45 29.52
N HIS A 340 25.53 -19.25 30.19
CA HIS A 340 24.63 -20.14 29.50
C HIS A 340 23.21 -19.86 30.00
N VAL A 341 22.24 -20.31 29.20
CA VAL A 341 20.83 -20.12 29.55
C VAL A 341 20.39 -21.16 30.56
N GLU A 342 19.81 -20.70 31.66
CA GLU A 342 19.07 -21.62 32.51
C GLU A 342 17.65 -21.81 31.98
N THR A 343 16.86 -20.73 31.99
CA THR A 343 15.53 -20.81 31.43
C THR A 343 15.17 -19.45 30.84
N PHE A 344 14.23 -19.49 29.89
CA PHE A 344 13.78 -18.34 29.11
C PHE A 344 12.32 -18.63 28.82
N TYR A 345 11.39 -17.79 29.29
CA TYR A 345 9.98 -18.16 29.18
C TYR A 345 9.13 -16.92 29.12
N PRO A 346 8.00 -16.99 28.43
CA PRO A 346 6.99 -15.91 28.52
C PRO A 346 6.69 -15.60 29.95
N LYS A 347 6.86 -14.33 30.33
CA LYS A 347 6.65 -13.87 31.70
C LYS A 347 5.21 -13.99 32.10
N LEU A 348 4.98 -14.58 33.27
CA LEU A 348 3.66 -14.70 33.86
C LEU A 348 3.32 -13.41 34.60
N GLN A 349 2.16 -12.84 34.28
CA GLN A 349 1.76 -11.51 34.79
C GLN A 349 0.80 -11.61 35.99
N ALA B 2 6.97 6.09 -49.68
CA ALA B 2 8.12 6.69 -50.35
C ALA B 2 8.60 7.85 -49.50
N MET B 3 9.21 7.50 -48.36
CA MET B 3 9.73 8.50 -47.43
C MET B 3 11.02 9.12 -47.93
N SER B 4 11.15 10.43 -47.69
CA SER B 4 12.28 11.21 -48.14
C SER B 4 12.40 12.47 -47.33
N LEU B 5 13.64 12.96 -47.26
CA LEU B 5 13.87 14.23 -46.60
C LEU B 5 12.98 15.30 -47.20
N GLU B 6 12.99 15.41 -48.54
CA GLU B 6 12.32 16.49 -49.21
C GLU B 6 10.80 16.38 -49.06
N ASN B 7 10.27 15.16 -48.98
CA ASN B 7 8.84 15.00 -48.77
C ASN B 7 8.42 15.40 -47.37
N VAL B 8 9.20 14.98 -46.36
CA VAL B 8 8.99 15.45 -44.99
C VAL B 8 8.96 16.96 -44.97
N ALA B 9 9.94 17.58 -45.62
CA ALA B 9 9.99 19.05 -45.58
C ALA B 9 8.78 19.65 -46.25
N PHE B 10 8.35 19.05 -47.35
CA PHE B 10 7.13 19.49 -48.01
C PHE B 10 5.99 19.46 -47.02
N ASN B 11 5.85 18.34 -46.27
CA ASN B 11 4.75 18.26 -45.31
C ASN B 11 4.86 19.31 -44.25
N VAL B 12 6.08 19.52 -43.72
CA VAL B 12 6.24 20.53 -42.71
C VAL B 12 5.78 21.88 -43.25
N VAL B 13 6.30 22.24 -44.44
CA VAL B 13 6.10 23.57 -44.98
C VAL B 13 4.62 23.80 -45.25
N ASN B 14 3.93 22.79 -45.77
CA ASN B 14 2.56 22.92 -46.25
C ASN B 14 1.50 22.51 -45.24
N LYS B 15 1.81 21.60 -44.29
CA LYS B 15 0.86 21.04 -43.36
C LYS B 15 1.21 21.30 -41.89
N GLY B 16 2.28 22.03 -41.63
CA GLY B 16 2.73 22.29 -40.28
C GLY B 16 3.32 21.07 -39.57
N HIS B 17 3.41 19.92 -40.25
CA HIS B 17 3.83 18.69 -39.62
C HIS B 17 3.64 17.58 -40.64
N PHE B 18 4.16 16.38 -40.36
CA PHE B 18 4.04 15.31 -41.32
C PHE B 18 2.58 14.88 -41.39
N ASP B 19 2.08 14.79 -42.61
CA ASP B 19 0.67 14.46 -42.83
C ASP B 19 0.45 13.51 -43.99
N GLY B 20 1.49 12.79 -44.42
CA GLY B 20 1.26 11.79 -45.45
C GLY B 20 1.01 12.36 -46.83
N GLN B 21 1.26 13.65 -47.04
CA GLN B 21 1.02 14.30 -48.33
C GLN B 21 2.15 14.04 -49.31
N GLN B 22 1.80 13.90 -50.59
CA GLN B 22 2.81 13.83 -51.63
C GLN B 22 3.41 15.19 -51.91
N GLY B 23 4.70 15.21 -52.25
CA GLY B 23 5.35 16.44 -52.69
C GLY B 23 6.77 16.53 -52.16
N GLU B 24 7.46 17.59 -52.59
CA GLU B 24 8.88 17.77 -52.35
C GLU B 24 9.21 19.24 -52.37
N VAL B 25 10.07 19.66 -51.46
CA VAL B 25 10.66 20.99 -51.56
C VAL B 25 12.15 20.84 -51.48
N PRO B 26 12.92 21.78 -51.99
CA PRO B 26 14.37 21.65 -51.90
C PRO B 26 14.81 21.90 -50.48
N VAL B 27 15.82 21.18 -50.06
CA VAL B 27 16.22 21.24 -48.69
C VAL B 27 17.72 21.41 -48.64
N SER B 28 18.19 22.12 -47.64
CA SER B 28 19.60 22.04 -47.38
C SER B 28 19.87 21.87 -45.90
N ILE B 29 20.91 21.10 -45.61
CA ILE B 29 21.30 20.70 -44.27
C ILE B 29 22.69 21.23 -43.97
N ILE B 30 22.77 22.07 -42.93
CA ILE B 30 24.03 22.67 -42.49
C ILE B 30 23.96 22.70 -40.98
N ASN B 31 25.09 22.71 -40.26
N ASN B 31 25.13 22.36 -40.44
CA ASN B 31 25.03 22.94 -38.78
CA ASN B 31 25.43 21.31 -39.47
C ASN B 31 23.82 22.44 -37.97
C ASN B 31 24.18 20.60 -38.98
N ASN B 32 23.56 21.13 -37.94
CA ASN B 32 22.34 20.58 -37.34
C ASN B 32 21.05 21.32 -37.70
N THR B 33 21.02 22.06 -38.79
CA THR B 33 19.81 22.78 -39.11
C THR B 33 19.29 22.38 -40.48
N VAL B 34 17.97 22.23 -40.58
CA VAL B 34 17.31 21.99 -41.84
C VAL B 34 16.72 23.29 -42.36
N TYR B 35 17.07 23.67 -43.59
CA TYR B 35 16.51 24.83 -44.24
C TYR B 35 15.79 24.41 -45.51
N THR B 36 14.97 25.31 -46.03
CA THR B 36 14.33 25.11 -47.30
C THR B 36 14.34 26.45 -48.04
N LYS B 37 14.38 26.37 -49.36
CA LYS B 37 14.46 27.54 -50.20
C LYS B 37 13.04 28.04 -50.43
N VAL B 38 12.75 29.25 -49.99
CA VAL B 38 11.53 29.96 -50.34
C VAL B 38 11.96 31.20 -51.11
N ASP B 39 11.67 31.19 -52.42
CA ASP B 39 11.93 32.35 -53.29
C ASP B 39 13.36 32.83 -53.16
N GLY B 40 14.27 31.89 -53.30
CA GLY B 40 15.67 32.21 -53.45
C GLY B 40 16.45 32.43 -52.17
N VAL B 41 15.82 32.43 -51.00
CA VAL B 41 16.59 32.47 -49.75
C VAL B 41 16.20 31.27 -48.91
N ASP B 42 17.09 30.95 -47.98
CA ASP B 42 16.94 29.78 -47.11
C ASP B 42 16.14 30.14 -45.87
N VAL B 43 15.15 29.33 -45.54
CA VAL B 43 14.38 29.52 -44.34
C VAL B 43 14.61 28.32 -43.43
N GLU B 44 14.91 28.62 -42.15
CA GLU B 44 15.10 27.60 -41.14
C GLU B 44 13.79 26.86 -40.87
N LEU B 45 13.77 25.56 -41.12
CA LEU B 45 12.67 24.69 -40.71
C LEU B 45 12.85 24.02 -39.37
N PHE B 46 14.08 23.70 -38.96
CA PHE B 46 14.26 22.79 -37.84
C PHE B 46 15.70 22.86 -37.36
N GLU B 47 15.93 23.06 -36.08
CA GLU B 47 17.25 22.94 -35.49
C GLU B 47 17.28 21.69 -34.63
N ASN B 48 18.24 20.80 -34.89
CA ASN B 48 18.36 19.54 -34.16
C ASN B 48 18.99 19.79 -32.80
N LYS B 49 18.24 19.54 -31.75
CA LYS B 49 18.78 19.60 -30.40
C LYS B 49 18.98 18.20 -29.83
N THR B 50 18.74 17.14 -30.62
CA THR B 50 18.82 15.76 -30.16
C THR B 50 20.21 15.20 -30.40
N THR B 51 20.42 13.94 -30.00
CA THR B 51 21.68 13.27 -30.26
C THR B 51 21.62 12.35 -31.47
N LEU B 52 20.57 12.44 -32.25
CA LEU B 52 20.35 11.71 -33.49
C LEU B 52 20.86 12.54 -34.66
N PRO B 53 21.10 11.91 -35.80
CA PRO B 53 21.45 12.69 -37.01
C PRO B 53 20.35 13.68 -37.36
N VAL B 54 20.78 14.88 -37.78
CA VAL B 54 19.85 15.99 -38.05
C VAL B 54 18.67 15.57 -38.92
N ASN B 55 18.90 14.82 -40.01
CA ASN B 55 17.77 14.49 -40.89
C ASN B 55 16.86 13.47 -40.26
N VAL B 56 17.41 12.66 -39.37
CA VAL B 56 16.61 11.69 -38.66
C VAL B 56 15.74 12.39 -37.62
N ALA B 57 16.35 13.28 -36.82
CA ALA B 57 15.56 14.00 -35.82
C ALA B 57 14.49 14.84 -36.49
N PHE B 58 14.83 15.46 -37.62
CA PHE B 58 13.86 16.27 -38.35
C PHE B 58 12.61 15.45 -38.65
N GLU B 59 12.80 14.22 -39.13
CA GLU B 59 11.67 13.38 -39.53
C GLU B 59 10.87 12.92 -38.32
N LEU B 60 11.55 12.59 -37.21
CA LEU B 60 10.79 12.17 -36.03
C LEU B 60 10.00 13.35 -35.48
N TRP B 61 10.58 14.55 -35.57
CA TRP B 61 9.86 15.74 -35.09
C TRP B 61 8.62 15.98 -35.93
N ALA B 62 8.79 16.03 -37.25
CA ALA B 62 7.68 16.13 -38.19
C ALA B 62 6.55 15.15 -37.88
N LYS B 63 6.90 13.91 -37.49
CA LYS B 63 5.97 12.82 -37.27
C LYS B 63 5.49 12.73 -35.84
N ARG B 64 5.73 13.79 -35.04
CA ARG B 64 5.24 13.82 -33.68
C ARG B 64 3.73 13.67 -33.61
N ASN B 65 3.29 13.03 -32.54
CA ASN B 65 1.89 12.92 -32.20
C ASN B 65 1.33 14.30 -31.84
N ILE B 66 0.26 14.73 -32.50
CA ILE B 66 -0.31 16.05 -32.25
C ILE B 66 -1.69 15.92 -31.59
N LYS B 67 -1.97 14.83 -30.99
CA LYS B 67 -3.13 14.72 -30.16
C LYS B 67 -2.65 14.88 -28.75
N PRO B 68 -3.52 15.28 -27.80
CA PRO B 68 -3.13 15.23 -26.40
C PRO B 68 -2.62 13.83 -26.08
N VAL B 69 -1.44 13.77 -25.50
CA VAL B 69 -0.79 12.50 -25.11
C VAL B 69 -0.35 12.62 -23.66
N PRO B 70 -0.14 11.48 -23.00
CA PRO B 70 0.34 11.54 -21.62
C PRO B 70 1.67 12.29 -21.53
N GLU B 71 1.87 13.06 -20.47
CA GLU B 71 3.15 13.68 -20.29
C GLU B 71 4.23 12.61 -20.18
N VAL B 72 5.44 12.95 -20.64
CA VAL B 72 6.52 11.98 -20.68
C VAL B 72 6.80 11.40 -19.29
N LYS B 73 6.66 12.24 -18.23
CA LYS B 73 6.95 11.72 -16.89
C LYS B 73 6.04 10.55 -16.55
N ILE B 74 4.77 10.58 -17.01
CA ILE B 74 3.85 9.47 -16.74
C ILE B 74 4.29 8.23 -17.49
N LEU B 75 4.57 8.40 -18.78
CA LEU B 75 5.03 7.27 -19.58
C LEU B 75 6.27 6.64 -18.98
N ASN B 76 7.25 7.45 -18.56
CA ASN B 76 8.48 6.87 -18.00
C ASN B 76 8.17 6.15 -16.69
N ASN B 77 7.31 6.75 -15.86
CA ASN B 77 7.01 6.12 -14.57
C ASN B 77 6.32 4.77 -14.76
N LEU B 78 5.60 4.61 -15.86
CA LEU B 78 4.94 3.37 -16.18
C LEU B 78 5.86 2.43 -16.93
N GLY B 79 7.10 2.80 -17.17
CA GLY B 79 8.02 1.87 -17.85
C GLY B 79 7.86 1.73 -19.35
N VAL B 80 7.26 2.73 -20.02
CA VAL B 80 7.10 2.66 -21.47
C VAL B 80 8.47 2.77 -22.14
N ASP B 81 8.73 1.86 -23.10
CA ASP B 81 9.97 1.84 -23.84
C ASP B 81 9.83 2.47 -25.22
N ILE B 82 8.63 2.52 -25.77
CA ILE B 82 8.49 2.73 -27.21
C ILE B 82 7.02 2.91 -27.49
N ALA B 83 6.70 3.63 -28.55
CA ALA B 83 5.30 3.88 -28.86
C ALA B 83 4.95 3.11 -30.12
N ALA B 84 3.69 2.67 -30.21
CA ALA B 84 3.20 1.98 -31.40
C ALA B 84 2.77 2.98 -32.45
N ASN B 85 3.60 3.11 -33.51
CA ASN B 85 3.20 3.84 -34.73
C ASN B 85 2.94 5.32 -34.50
N THR B 86 3.71 5.93 -33.61
CA THR B 86 3.67 7.37 -33.40
C THR B 86 4.98 7.75 -32.75
N VAL B 87 5.21 9.03 -32.60
CA VAL B 87 6.37 9.56 -31.90
C VAL B 87 5.85 10.42 -30.77
N ILE B 88 6.18 10.06 -29.52
CA ILE B 88 5.90 10.96 -28.42
C ILE B 88 7.05 11.94 -28.39
N TRP B 89 6.78 13.20 -28.76
CA TRP B 89 7.82 14.20 -28.77
C TRP B 89 7.99 14.75 -27.36
N ASP B 90 9.22 14.77 -26.87
CA ASP B 90 9.53 15.23 -25.52
C ASP B 90 9.91 16.70 -25.61
N TYR B 91 8.95 17.58 -25.31
CA TYR B 91 9.22 18.99 -25.51
C TYR B 91 10.10 19.56 -24.43
N LYS B 92 10.35 18.81 -23.37
CA LYS B 92 11.23 19.27 -22.33
C LYS B 92 12.67 19.01 -22.69
N ARG B 93 12.94 17.98 -23.46
CA ARG B 93 14.27 17.72 -23.97
C ARG B 93 14.44 18.12 -25.44
N ASP B 94 13.39 18.60 -26.10
CA ASP B 94 13.41 18.85 -27.55
C ASP B 94 13.94 17.63 -28.28
N ALA B 95 13.41 16.46 -27.95
CA ALA B 95 13.95 15.23 -28.53
C ALA B 95 12.86 14.18 -28.49
N PRO B 96 13.01 13.08 -29.23
CA PRO B 96 12.03 11.99 -29.10
C PRO B 96 12.08 11.46 -27.69
N ALA B 97 10.91 11.13 -27.14
CA ALA B 97 10.87 10.56 -25.82
C ALA B 97 11.44 9.15 -25.78
N HIS B 98 11.43 8.44 -26.88
CA HIS B 98 11.91 7.06 -26.88
C HIS B 98 13.03 6.90 -27.88
N ILE B 99 13.92 5.94 -27.61
CA ILE B 99 15.06 5.69 -28.48
C ILE B 99 14.58 5.36 -29.89
N SER B 100 13.71 4.36 -30.01
CA SER B 100 13.40 3.65 -31.24
C SER B 100 11.95 3.87 -31.60
N THR B 101 11.60 3.42 -32.79
CA THR B 101 10.23 3.63 -33.22
C THR B 101 9.67 2.33 -33.78
N ILE B 102 8.36 2.30 -33.96
CA ILE B 102 7.67 1.19 -34.62
C ILE B 102 6.85 1.77 -35.76
N GLY B 103 7.18 1.40 -36.98
CA GLY B 103 6.32 1.80 -38.10
C GLY B 103 6.27 3.30 -38.37
N VAL B 104 7.35 4.02 -38.05
CA VAL B 104 7.38 5.47 -38.17
C VAL B 104 8.45 5.93 -39.15
N CYS B 105 9.67 5.48 -38.96
CA CYS B 105 10.81 6.09 -39.63
C CYS B 105 11.85 5.01 -39.85
N SER B 106 12.40 4.99 -41.05
CA SER B 106 13.18 3.84 -41.45
C SER B 106 14.50 3.80 -40.72
N MET B 107 14.99 4.98 -40.34
CA MET B 107 16.26 5.01 -39.64
C MET B 107 16.17 4.54 -38.20
N THR B 108 14.97 4.56 -37.58
CA THR B 108 14.85 4.33 -36.15
C THR B 108 13.92 3.19 -35.79
N ASP B 109 13.05 2.78 -36.74
CA ASP B 109 12.14 1.66 -36.57
C ASP B 109 12.88 0.39 -36.17
N ILE B 110 12.41 -0.27 -35.12
CA ILE B 110 12.87 -1.64 -34.88
C ILE B 110 11.90 -2.66 -35.42
N ALA B 111 10.77 -2.22 -35.95
CA ALA B 111 9.68 -3.05 -36.44
C ALA B 111 8.76 -2.13 -37.19
N LYS B 112 7.87 -2.73 -37.99
CA LYS B 112 6.82 -1.96 -38.63
C LYS B 112 5.54 -2.08 -37.83
N LYS B 113 5.33 -3.22 -37.17
CA LYS B 113 4.12 -3.40 -36.39
C LYS B 113 4.51 -3.89 -35.00
N PRO B 114 3.83 -3.44 -33.95
CA PRO B 114 4.19 -3.89 -32.60
C PRO B 114 4.05 -5.37 -32.40
N THR B 115 3.55 -6.11 -33.38
CA THR B 115 3.38 -7.53 -33.14
C THR B 115 4.62 -8.33 -33.42
N GLU B 116 5.62 -7.75 -34.11
CA GLU B 116 6.89 -8.42 -34.39
C GLU B 116 7.60 -8.76 -33.09
N THR B 117 8.47 -9.78 -33.14
CA THR B 117 8.89 -10.36 -31.86
C THR B 117 9.81 -9.43 -31.07
N ILE B 118 10.59 -8.56 -31.74
CA ILE B 118 11.46 -7.63 -30.99
C ILE B 118 10.63 -6.75 -30.04
N CYS B 119 9.34 -6.58 -30.30
CA CYS B 119 8.56 -5.70 -29.43
C CYS B 119 7.99 -6.44 -28.22
N ALA B 120 7.95 -7.77 -28.26
CA ALA B 120 7.28 -8.48 -27.18
C ALA B 120 7.88 -8.16 -25.82
N PRO B 121 9.21 -8.17 -25.63
CA PRO B 121 9.75 -7.81 -24.31
C PRO B 121 9.72 -6.30 -24.01
N LEU B 122 9.51 -5.44 -25.01
CA LEU B 122 9.43 -3.99 -24.79
C LEU B 122 8.04 -3.59 -24.30
N THR B 123 7.99 -2.72 -23.32
CA THR B 123 6.71 -2.17 -22.91
C THR B 123 6.27 -1.12 -23.93
N VAL B 124 5.30 -1.48 -24.75
CA VAL B 124 4.82 -0.66 -25.85
C VAL B 124 3.66 0.22 -25.44
N PHE B 125 3.67 1.46 -25.90
CA PHE B 125 2.56 2.39 -25.66
C PHE B 125 1.53 2.26 -26.77
N PHE B 126 0.27 2.07 -26.38
CA PHE B 126 -0.87 1.89 -27.28
C PHE B 126 -1.92 2.95 -26.96
N ASP B 127 -2.46 3.58 -28.00
CA ASP B 127 -3.45 4.66 -27.88
C ASP B 127 -4.81 4.13 -28.33
N GLY B 128 -5.72 3.96 -27.37
CA GLY B 128 -7.04 3.44 -27.68
C GLY B 128 -7.81 4.29 -28.67
N ARG B 129 -7.41 5.54 -28.83
CA ARG B 129 -8.06 6.40 -29.81
C ARG B 129 -7.71 6.05 -31.24
N VAL B 130 -6.74 5.18 -31.46
CA VAL B 130 -6.36 4.76 -32.80
C VAL B 130 -6.97 3.39 -33.05
N ASP B 131 -7.72 3.26 -34.16
CA ASP B 131 -8.35 2.01 -34.54
C ASP B 131 -7.37 0.86 -34.41
N GLY B 132 -7.82 -0.19 -33.75
CA GLY B 132 -7.04 -1.40 -33.67
C GLY B 132 -6.03 -1.44 -32.53
N GLN B 133 -5.83 -0.36 -31.79
CA GLN B 133 -4.73 -0.45 -30.86
C GLN B 133 -5.10 -1.13 -29.55
N VAL B 134 -6.35 -0.98 -29.09
CA VAL B 134 -6.83 -1.77 -27.96
C VAL B 134 -6.62 -3.26 -28.25
N ASP B 135 -6.98 -3.70 -29.45
CA ASP B 135 -6.71 -5.08 -29.91
C ASP B 135 -5.23 -5.41 -29.78
N LEU B 136 -4.35 -4.56 -30.32
CA LEU B 136 -2.92 -4.84 -30.30
C LEU B 136 -2.39 -4.92 -28.86
N PHE B 137 -2.91 -4.07 -27.98
CA PHE B 137 -2.62 -4.19 -26.57
C PHE B 137 -3.03 -5.57 -26.02
N ARG B 138 -4.11 -6.16 -26.56
CA ARG B 138 -4.53 -7.48 -26.07
C ARG B 138 -3.54 -8.53 -26.46
N ASN B 139 -2.97 -8.43 -27.66
CA ASN B 139 -1.98 -9.41 -28.07
C ASN B 139 -0.64 -9.14 -27.46
N ALA B 140 -0.45 -7.95 -26.93
CA ALA B 140 0.91 -7.54 -26.59
C ALA B 140 1.32 -8.22 -25.29
N ARG B 141 2.54 -8.75 -25.28
CA ARG B 141 3.08 -9.31 -24.05
C ARG B 141 3.27 -8.20 -22.98
N ASN B 142 3.74 -7.01 -23.42
CA ASN B 142 4.06 -5.89 -22.54
C ASN B 142 3.55 -4.60 -23.15
N GLY B 143 2.89 -3.80 -22.34
CA GLY B 143 2.28 -2.63 -22.93
C GLY B 143 1.68 -1.73 -21.89
N VAL B 144 1.42 -0.51 -22.33
CA VAL B 144 0.62 0.45 -21.61
C VAL B 144 -0.38 1.00 -22.60
N LEU B 145 -1.65 1.06 -22.18
CA LEU B 145 -2.74 1.45 -23.06
C LEU B 145 -3.45 2.65 -22.46
N ILE B 146 -3.75 3.67 -23.26
CA ILE B 146 -4.71 4.69 -22.83
C ILE B 146 -5.97 4.60 -23.68
N THR B 147 -7.08 5.01 -23.09
CA THR B 147 -8.37 5.08 -23.78
C THR B 147 -9.16 6.25 -23.19
N GLU B 148 -10.18 6.68 -23.90
CA GLU B 148 -11.03 7.74 -23.39
C GLU B 148 -12.21 7.21 -22.60
N GLY B 149 -12.55 5.94 -22.78
CA GLY B 149 -13.70 5.35 -22.14
C GLY B 149 -13.48 3.90 -21.79
N SER B 150 -14.54 3.20 -21.45
CA SER B 150 -14.33 1.90 -20.86
C SER B 150 -13.85 0.91 -21.89
N VAL B 151 -13.16 -0.11 -21.41
CA VAL B 151 -12.71 -1.23 -22.23
C VAL B 151 -13.32 -2.46 -21.61
N LYS B 152 -14.03 -3.25 -22.42
CA LYS B 152 -14.81 -4.30 -21.80
C LYS B 152 -13.82 -5.35 -21.32
N GLY B 153 -13.95 -5.72 -20.03
CA GLY B 153 -13.14 -6.72 -19.39
C GLY B 153 -11.84 -6.24 -18.76
N LEU B 154 -11.61 -4.94 -18.69
CA LEU B 154 -10.44 -4.38 -18.01
C LEU B 154 -10.94 -3.38 -16.97
N GLN B 155 -10.40 -3.46 -15.80
CA GLN B 155 -10.68 -2.37 -14.87
C GLN B 155 -9.74 -1.22 -15.20
N PRO B 156 -10.23 0.01 -15.32
CA PRO B 156 -9.33 1.13 -15.63
C PRO B 156 -8.67 1.67 -14.39
N SER B 157 -7.56 2.37 -14.62
CA SER B 157 -7.00 3.31 -13.66
C SER B 157 -7.18 4.69 -14.26
N VAL B 158 -7.79 5.59 -13.51
CA VAL B 158 -8.08 6.92 -14.05
C VAL B 158 -6.84 7.78 -13.90
N GLY B 159 -6.29 8.26 -15.02
CA GLY B 159 -5.07 9.03 -14.99
C GLY B 159 -5.25 10.46 -14.55
N PRO B 160 -4.21 11.28 -14.73
CA PRO B 160 -4.32 12.72 -14.44
C PRO B 160 -5.37 13.42 -15.30
N LYS B 161 -5.79 14.58 -14.83
CA LYS B 161 -6.64 15.45 -15.63
C LYS B 161 -5.91 15.99 -16.83
N GLN B 162 -4.62 16.35 -16.69
CA GLN B 162 -3.91 17.06 -17.75
C GLN B 162 -3.24 16.10 -18.72
N ALA B 163 -3.01 16.57 -19.95
CA ALA B 163 -2.16 15.87 -20.90
C ALA B 163 -1.38 16.93 -21.68
N SER B 164 -0.49 16.47 -22.56
CA SER B 164 0.40 17.35 -23.31
C SER B 164 -0.09 17.44 -24.75
N LEU B 165 -0.42 18.67 -25.19
CA LEU B 165 -0.83 18.89 -26.58
C LEU B 165 0.24 19.76 -27.25
N ASN B 166 0.95 19.17 -28.21
CA ASN B 166 2.05 19.89 -28.84
C ASN B 166 2.90 20.65 -27.84
N GLY B 167 3.16 20.05 -26.69
CA GLY B 167 4.05 20.62 -25.71
C GLY B 167 3.37 21.48 -24.68
N VAL B 168 2.10 21.77 -24.83
CA VAL B 168 1.38 22.50 -23.81
C VAL B 168 0.68 21.49 -22.92
N THR B 169 1.01 21.51 -21.65
CA THR B 169 0.27 20.71 -20.68
C THR B 169 -1.02 21.41 -20.36
N LEU B 170 -2.13 20.67 -20.44
CA LEU B 170 -3.43 21.31 -20.20
C LEU B 170 -4.52 20.30 -19.85
N ILE B 171 -5.56 20.84 -19.22
CA ILE B 171 -6.77 20.09 -18.92
C ILE B 171 -7.76 20.40 -20.04
N GLY B 172 -8.07 19.38 -20.83
CA GLY B 172 -8.76 19.64 -22.07
C GLY B 172 -10.19 20.03 -21.80
N GLU B 173 -10.65 21.11 -22.45
CA GLU B 173 -12.05 21.46 -22.46
C GLU B 173 -12.73 21.16 -23.78
N ALA B 174 -12.07 21.41 -24.90
CA ALA B 174 -12.59 21.00 -26.22
C ALA B 174 -12.06 19.66 -26.69
N VAL B 175 -11.15 19.03 -25.94
CA VAL B 175 -10.59 17.71 -26.23
C VAL B 175 -10.42 17.00 -24.90
N LYS B 176 -10.32 15.68 -24.97
CA LYS B 176 -10.20 14.91 -23.73
C LYS B 176 -8.73 14.73 -23.42
N THR B 177 -8.36 15.06 -22.20
CA THR B 177 -7.01 14.80 -21.71
C THR B 177 -6.96 13.78 -20.59
N GLN B 178 -8.09 13.44 -19.96
CA GLN B 178 -8.10 12.45 -18.88
C GLN B 178 -8.29 11.06 -19.44
N PHE B 179 -7.28 10.21 -19.32
CA PHE B 179 -7.34 8.90 -19.93
C PHE B 179 -7.59 7.83 -18.88
N ASN B 180 -8.12 6.70 -19.33
CA ASN B 180 -8.02 5.46 -18.59
C ASN B 180 -6.67 4.83 -18.92
N TYR B 181 -5.98 4.32 -17.91
CA TYR B 181 -4.71 3.65 -18.08
C TYR B 181 -4.85 2.16 -17.78
N TYR B 182 -4.10 1.36 -18.52
CA TYR B 182 -4.03 -0.07 -18.38
C TYR B 182 -2.61 -0.50 -18.73
N LYS B 183 -2.11 -1.50 -17.98
CA LYS B 183 -0.72 -1.91 -18.13
C LYS B 183 -0.66 -3.42 -18.14
N LYS B 184 0.23 -3.95 -18.94
CA LYS B 184 0.43 -5.38 -19.05
C LYS B 184 1.91 -5.66 -18.94
N VAL B 185 2.26 -6.52 -17.99
CA VAL B 185 3.59 -7.07 -17.80
C VAL B 185 3.52 -8.58 -18.03
N ASP B 186 4.38 -9.09 -18.92
CA ASP B 186 4.44 -10.51 -19.27
C ASP B 186 3.08 -11.17 -19.42
N GLY B 187 2.23 -10.54 -20.22
CA GLY B 187 0.97 -11.10 -20.61
C GLY B 187 -0.12 -10.95 -19.58
N VAL B 188 0.18 -10.41 -18.40
CA VAL B 188 -0.78 -10.25 -17.31
C VAL B 188 -1.17 -8.79 -17.16
N VAL B 189 -2.47 -8.55 -17.14
CA VAL B 189 -2.97 -7.21 -16.84
C VAL B 189 -2.70 -6.87 -15.39
N GLN B 190 -2.08 -5.72 -15.17
CA GLN B 190 -1.67 -5.33 -13.84
C GLN B 190 -2.80 -4.57 -13.17
N GLN B 191 -2.77 -4.58 -11.85
CA GLN B 191 -3.64 -3.68 -11.11
C GLN B 191 -2.80 -2.47 -10.78
N LEU B 192 -3.14 -1.33 -11.35
CA LEU B 192 -2.28 -0.17 -11.16
C LEU B 192 -2.52 0.37 -9.75
N PRO B 193 -1.49 0.82 -9.06
CA PRO B 193 -1.68 1.25 -7.68
C PRO B 193 -2.46 2.53 -7.63
N GLU B 194 -3.14 2.71 -6.50
CA GLU B 194 -3.55 4.02 -6.03
C GLU B 194 -2.39 4.98 -6.23
N THR B 195 -2.69 6.19 -6.69
CA THR B 195 -1.58 7.10 -6.86
C THR B 195 -2.10 8.51 -6.72
N TYR B 196 -1.25 9.41 -6.21
CA TYR B 196 -1.51 10.81 -6.47
C TYR B 196 -0.97 11.19 -7.84
N PHE B 197 -1.31 12.39 -8.30
CA PHE B 197 -0.76 12.93 -9.54
C PHE B 197 -0.17 14.30 -9.29
N THR B 198 1.03 14.54 -9.82
CA THR B 198 1.48 15.93 -9.86
C THR B 198 0.64 16.70 -10.85
N GLN B 199 0.59 18.03 -10.67
CA GLN B 199 -0.36 18.90 -11.35
C GLN B 199 0.23 19.58 -12.59
N SER B 200 1.54 19.60 -12.73
CA SER B 200 2.21 20.04 -13.98
C SER B 200 1.99 21.53 -14.23
N ARG B 201 1.98 22.34 -13.19
CA ARG B 201 1.79 23.76 -13.45
C ARG B 201 3.12 24.48 -13.65
N ASN B 202 3.05 25.68 -14.20
CA ASN B 202 4.19 26.56 -14.40
C ASN B 202 4.25 27.51 -13.24
N LEU B 203 5.45 27.96 -12.97
CA LEU B 203 5.61 28.99 -11.97
C LEU B 203 5.02 30.33 -12.39
N GLN B 204 5.06 30.63 -13.68
CA GLN B 204 4.65 31.95 -14.16
C GLN B 204 3.14 32.08 -14.20
N GLU B 205 2.44 31.01 -14.57
CA GLU B 205 1.02 31.07 -14.80
C GLU B 205 0.28 30.15 -13.84
N PHE B 206 0.72 30.14 -12.59
CA PHE B 206 0.23 29.17 -11.63
C PHE B 206 -1.23 29.44 -11.30
N LYS B 207 -2.08 28.42 -11.42
CA LYS B 207 -3.47 28.65 -11.08
C LYS B 207 -3.97 27.70 -9.99
N PRO B 208 -4.53 28.22 -8.91
CA PRO B 208 -5.03 27.35 -7.84
C PRO B 208 -6.13 26.44 -8.35
N ARG B 209 -6.18 25.20 -7.82
CA ARG B 209 -7.21 24.26 -8.24
C ARG B 209 -8.03 23.74 -7.05
N SER B 210 -8.08 24.49 -5.95
CA SER B 210 -8.87 24.10 -4.77
C SER B 210 -9.02 25.32 -3.87
N GLN B 211 -10.05 25.29 -3.03
CA GLN B 211 -10.24 26.43 -2.17
C GLN B 211 -9.05 26.60 -1.24
N MET B 212 -8.45 25.47 -0.80
CA MET B 212 -7.27 25.59 0.05
C MET B 212 -6.14 26.30 -0.70
N GLU B 213 -5.94 25.97 -1.98
CA GLU B 213 -4.89 26.62 -2.74
C GLU B 213 -5.20 28.08 -2.95
N ILE B 214 -6.47 28.42 -3.18
CA ILE B 214 -6.84 29.82 -3.25
C ILE B 214 -6.47 30.52 -1.97
N ASP B 215 -6.79 29.89 -0.83
CA ASP B 215 -6.50 30.53 0.44
C ASP B 215 -5.01 30.67 0.65
N PHE B 216 -4.24 29.66 0.21
CA PHE B 216 -2.80 29.71 0.39
C PHE B 216 -2.21 30.93 -0.29
N LEU B 217 -2.73 31.25 -1.47
CA LEU B 217 -2.25 32.36 -2.27
C LEU B 217 -2.69 33.69 -1.68
N GLU B 218 -3.94 33.77 -1.19
CA GLU B 218 -4.44 35.03 -0.61
C GLU B 218 -3.85 35.27 0.76
N LEU B 219 -4.08 34.37 1.70
CA LEU B 219 -3.85 34.66 3.11
C LEU B 219 -2.37 34.84 3.43
N ALA B 220 -2.10 35.43 4.60
CA ALA B 220 -0.77 35.44 5.16
C ALA B 220 -0.44 34.07 5.71
N MET B 221 0.86 33.82 5.84
CA MET B 221 1.32 32.53 6.33
C MET B 221 0.60 32.12 7.60
N ASP B 222 0.61 32.99 8.60
CA ASP B 222 0.05 32.63 9.91
C ASP B 222 -1.46 32.38 9.83
N GLU B 223 -2.20 33.23 9.11
CA GLU B 223 -3.63 32.99 8.94
C GLU B 223 -3.89 31.65 8.29
N PHE B 224 -3.28 31.41 7.13
CA PHE B 224 -3.48 30.15 6.43
C PHE B 224 -3.15 28.97 7.32
N ILE B 225 -2.01 29.01 8.00
CA ILE B 225 -1.66 27.90 8.88
C ILE B 225 -2.73 27.73 9.96
N GLU B 226 -3.33 28.85 10.41
CA GLU B 226 -4.37 28.78 11.42
C GLU B 226 -5.63 28.13 10.86
N ARG B 227 -6.12 28.65 9.73
CA ARG B 227 -7.39 28.16 9.18
C ARG B 227 -7.40 26.65 9.01
N TYR B 228 -6.28 26.07 8.59
CA TYR B 228 -6.24 24.69 8.14
C TYR B 228 -5.61 23.79 9.17
N LYS B 229 -5.33 24.33 10.35
CA LYS B 229 -4.88 23.58 11.51
C LYS B 229 -3.56 22.88 11.21
N LEU B 230 -2.60 23.68 10.75
CA LEU B 230 -1.33 23.18 10.27
C LEU B 230 -0.17 23.44 11.22
N GLU B 231 -0.44 23.93 12.42
CA GLU B 231 0.60 24.09 13.42
C GLU B 231 1.36 22.79 13.65
N GLY B 232 2.67 22.87 13.78
CA GLY B 232 3.48 21.70 14.04
C GLY B 232 3.85 20.87 12.83
N TYR B 233 3.38 21.24 11.62
CA TYR B 233 3.69 20.52 10.39
C TYR B 233 4.82 21.15 9.56
N ALA B 234 5.41 22.24 10.04
CA ALA B 234 6.58 22.89 9.42
C ALA B 234 6.30 23.41 8.01
N PHE B 235 5.06 23.84 7.72
CA PHE B 235 4.84 24.51 6.45
C PHE B 235 5.66 25.77 6.31
N GLU B 236 5.88 26.50 7.42
CA GLU B 236 6.73 27.69 7.37
C GLU B 236 8.00 27.37 6.60
N HIS B 237 8.60 26.21 6.93
CA HIS B 237 9.81 25.79 6.27
C HIS B 237 9.51 25.07 4.94
N ILE B 238 8.68 24.02 4.96
CA ILE B 238 8.51 23.17 3.78
C ILE B 238 7.87 23.93 2.62
N VAL B 239 6.82 24.69 2.88
CA VAL B 239 5.99 25.23 1.82
C VAL B 239 6.21 26.73 1.63
N TYR B 240 6.31 27.49 2.71
CA TYR B 240 6.56 28.90 2.53
C TYR B 240 8.03 29.17 2.17
N GLY B 241 8.93 28.37 2.71
CA GLY B 241 10.34 28.56 2.44
C GLY B 241 10.96 29.53 3.43
N ASP B 242 12.15 29.21 3.90
CA ASP B 242 12.90 30.02 4.84
C ASP B 242 14.04 30.71 4.11
N PHE B 243 13.96 32.02 4.00
CA PHE B 243 14.94 32.79 3.24
C PHE B 243 15.87 33.54 4.14
N SER B 244 16.01 33.14 5.38
CA SER B 244 16.75 33.94 6.34
C SER B 244 18.20 33.54 6.47
N HIS B 245 18.60 32.34 6.03
CA HIS B 245 19.98 31.84 6.09
C HIS B 245 20.55 31.73 4.69
N SER B 246 21.86 31.48 4.62
CA SER B 246 22.49 31.32 3.32
C SER B 246 21.94 30.09 2.59
N GLN B 247 21.75 28.97 3.29
CA GLN B 247 21.05 27.83 2.70
C GLN B 247 19.57 28.23 2.62
N LEU B 248 19.01 28.36 1.44
CA LEU B 248 17.56 28.48 1.38
C LEU B 248 16.92 27.25 2.04
N GLY B 249 16.00 27.51 2.97
CA GLY B 249 15.39 26.44 3.74
C GLY B 249 14.05 26.03 3.12
N GLY B 250 13.84 24.72 3.09
CA GLY B 250 12.57 24.17 2.63
C GLY B 250 12.31 24.52 1.18
N LEU B 251 11.07 24.96 0.92
CA LEU B 251 10.55 25.35 -0.40
C LEU B 251 10.52 24.18 -1.40
N HIS B 252 9.73 23.15 -1.08
CA HIS B 252 9.72 21.93 -1.89
C HIS B 252 8.42 21.74 -2.66
N LEU B 253 7.52 22.71 -2.59
CA LEU B 253 6.20 22.58 -3.17
C LEU B 253 5.93 23.75 -4.11
N LEU B 254 5.59 23.43 -5.38
CA LEU B 254 5.51 24.45 -6.42
C LEU B 254 4.65 25.64 -6.01
N ILE B 255 3.50 25.39 -5.35
CA ILE B 255 2.64 26.51 -5.00
C ILE B 255 3.40 27.50 -4.11
N GLY B 256 4.26 27.00 -3.23
CA GLY B 256 5.10 27.90 -2.44
C GLY B 256 6.07 28.73 -3.27
N LEU B 257 6.59 28.15 -4.36
CA LEU B 257 7.42 28.96 -5.27
C LEU B 257 6.56 29.95 -6.04
N ALA B 258 5.36 29.55 -6.43
CA ALA B 258 4.47 30.50 -7.10
C ALA B 258 4.16 31.67 -6.18
N LYS B 259 3.90 31.40 -4.90
CA LYS B 259 3.51 32.48 -4.02
C LYS B 259 4.66 33.50 -3.91
N ARG B 260 5.88 33.01 -3.68
CA ARG B 260 7.03 33.89 -3.54
C ARG B 260 7.28 34.69 -4.82
N PHE B 261 7.10 34.05 -5.97
CA PHE B 261 7.38 34.67 -7.27
C PHE B 261 6.48 35.88 -7.56
N LYS B 262 5.32 35.95 -6.92
CA LYS B 262 4.51 37.16 -7.01
C LYS B 262 5.18 38.33 -6.29
N GLU B 263 5.95 38.07 -5.24
CA GLU B 263 6.49 39.21 -4.51
C GLU B 263 7.86 39.62 -5.03
N SER B 264 8.73 38.64 -5.25
CA SER B 264 10.10 38.91 -5.66
C SER B 264 10.63 37.70 -6.38
N PRO B 265 11.50 37.88 -7.35
CA PRO B 265 11.82 36.81 -8.29
C PRO B 265 13.05 36.02 -7.85
N PHE B 266 13.30 34.93 -8.56
CA PHE B 266 14.42 34.08 -8.17
C PHE B 266 14.84 33.22 -9.36
N GLU B 267 16.07 32.71 -9.28
CA GLU B 267 16.64 31.88 -10.34
C GLU B 267 16.42 30.42 -10.02
N LEU B 268 15.77 29.72 -10.95
CA LEU B 268 15.63 28.27 -10.91
C LEU B 268 16.51 27.68 -11.99
N GLU B 269 17.64 27.07 -11.60
CA GLU B 269 18.48 26.42 -12.59
C GLU B 269 18.07 24.96 -12.73
N ASP B 270 17.59 24.61 -13.91
CA ASP B 270 17.07 23.28 -14.23
C ASP B 270 18.20 22.44 -14.82
N PHE B 271 19.05 21.90 -13.92
CA PHE B 271 20.32 21.35 -14.39
C PHE B 271 20.21 19.92 -14.91
N ILE B 272 19.10 19.22 -14.67
CA ILE B 272 18.74 18.03 -15.44
C ILE B 272 17.44 18.34 -16.17
N PRO B 273 17.46 19.02 -17.29
CA PRO B 273 16.19 19.36 -17.95
C PRO B 273 15.54 18.16 -18.60
N MET B 274 14.48 17.70 -17.97
CA MET B 274 13.71 16.55 -18.43
C MET B 274 12.43 16.55 -17.61
N ASP B 275 11.42 15.89 -18.12
CA ASP B 275 10.12 15.83 -17.46
C ASP B 275 10.24 14.81 -16.34
N SER B 276 10.12 15.23 -15.09
CA SER B 276 10.03 14.17 -14.09
C SER B 276 9.12 14.60 -12.96
N THR B 277 8.64 13.59 -12.23
CA THR B 277 7.62 13.80 -11.21
C THR B 277 8.12 14.74 -10.13
N VAL B 278 9.38 14.63 -9.78
CA VAL B 278 10.07 15.55 -8.89
C VAL B 278 11.17 16.24 -9.68
N LYS B 279 11.31 17.54 -9.52
CA LYS B 279 12.32 18.32 -10.20
C LYS B 279 13.32 18.82 -9.18
N ASN B 280 14.57 18.93 -9.61
CA ASN B 280 15.66 19.45 -8.78
C ASN B 280 16.13 20.73 -9.45
N TYR B 281 16.17 21.80 -8.67
CA TYR B 281 16.59 23.10 -9.16
C TYR B 281 17.69 23.63 -8.28
N PHE B 282 18.63 24.32 -8.87
CA PHE B 282 19.60 25.04 -8.08
C PHE B 282 19.12 26.48 -8.06
N ILE B 283 18.63 26.87 -6.88
CA ILE B 283 17.77 28.01 -6.74
C ILE B 283 18.51 29.12 -5.99
N THR B 284 18.35 30.34 -6.49
CA THR B 284 18.99 31.52 -5.92
C THR B 284 17.91 32.56 -5.77
N ASP B 285 17.64 32.98 -4.53
CA ASP B 285 16.61 33.97 -4.26
C ASP B 285 17.17 35.39 -4.48
N ALA B 286 16.59 36.16 -5.41
CA ALA B 286 17.19 37.47 -5.75
C ALA B 286 17.07 38.49 -4.61
N GLN B 287 15.93 38.53 -3.91
CA GLN B 287 15.76 39.54 -2.87
C GLN B 287 16.77 39.36 -1.73
N THR B 288 17.09 38.11 -1.36
CA THR B 288 17.86 37.86 -0.16
C THR B 288 19.23 37.22 -0.38
N GLY B 289 19.50 36.61 -1.53
CA GLY B 289 20.70 35.87 -1.72
C GLY B 289 20.67 34.51 -1.08
N SER B 290 19.52 34.11 -0.55
CA SER B 290 19.44 32.78 0.02
C SER B 290 19.44 31.81 -1.16
N SER B 291 20.14 30.68 -1.05
CA SER B 291 20.25 29.77 -2.19
C SER B 291 20.42 28.32 -1.73
N LYS B 292 20.13 27.38 -2.63
CA LYS B 292 20.32 25.97 -2.34
C LYS B 292 20.63 25.22 -3.64
N CYS B 293 21.71 24.43 -3.60
CA CYS B 293 22.21 23.74 -4.80
C CYS B 293 21.21 22.74 -5.39
N VAL B 294 20.53 21.96 -4.54
CA VAL B 294 19.67 20.86 -4.97
C VAL B 294 18.39 21.00 -4.16
N CYS B 295 17.43 21.74 -4.71
CA CYS B 295 16.16 22.00 -4.07
C CYS B 295 15.11 21.18 -4.78
N SER B 296 14.67 20.08 -4.18
CA SER B 296 13.65 19.25 -4.82
C SER B 296 12.29 19.96 -4.80
N VAL B 297 11.60 19.97 -5.92
CA VAL B 297 10.33 20.65 -6.02
C VAL B 297 9.33 19.66 -6.61
N ILE B 298 8.10 19.70 -6.09
CA ILE B 298 7.01 18.90 -6.63
C ILE B 298 5.75 19.76 -6.64
N ASP B 299 4.94 19.58 -7.67
CA ASP B 299 3.68 20.31 -7.78
C ASP B 299 2.56 19.34 -7.44
N LEU B 300 2.28 19.23 -6.16
CA LEU B 300 1.12 18.51 -5.68
C LEU B 300 0.03 19.53 -5.36
N LEU B 301 -1.21 19.19 -5.70
CA LEU B 301 -2.34 19.88 -5.10
C LEU B 301 -2.08 20.05 -3.61
N LEU B 302 -2.23 21.28 -3.12
CA LEU B 302 -1.82 21.49 -1.74
C LEU B 302 -2.59 20.56 -0.78
N ASP B 303 -3.85 20.28 -1.12
CA ASP B 303 -4.69 19.44 -0.28
C ASP B 303 -4.08 18.03 -0.18
N ASP B 304 -3.63 17.49 -1.31
CA ASP B 304 -2.99 16.17 -1.34
C ASP B 304 -1.71 16.17 -0.55
N PHE B 305 -0.89 17.21 -0.71
CA PHE B 305 0.30 17.31 0.14
C PHE B 305 -0.11 17.33 1.63
N VAL B 306 -1.09 18.16 2.00
CA VAL B 306 -1.55 18.18 3.39
C VAL B 306 -1.99 16.79 3.85
N GLU B 307 -2.72 16.07 3.01
CA GLU B 307 -3.14 14.71 3.36
C GLU B 307 -1.94 13.79 3.58
N ILE B 308 -0.92 13.90 2.71
CA ILE B 308 0.23 13.04 2.89
C ILE B 308 0.90 13.35 4.22
N ILE B 309 1.06 14.65 4.52
CA ILE B 309 1.91 14.92 5.65
C ILE B 309 1.17 14.64 6.95
N LYS B 310 -0.15 14.86 6.96
CA LYS B 310 -0.99 14.49 8.11
C LYS B 310 -1.19 12.98 8.24
N SER B 311 -0.74 12.18 7.29
CA SER B 311 -0.90 10.73 7.34
C SER B 311 0.36 10.03 7.75
N GLN B 312 1.30 10.75 8.34
CA GLN B 312 2.56 10.19 8.77
C GLN B 312 2.65 10.15 10.28
N ASP B 313 3.38 9.16 10.75
CA ASP B 313 3.74 9.08 12.14
C ASP B 313 4.86 10.07 12.41
N LEU B 314 4.69 10.91 13.43
CA LEU B 314 5.67 11.95 13.74
C LEU B 314 6.57 11.61 14.92
N SER B 315 6.96 10.35 15.12
CA SER B 315 7.54 10.02 16.42
C SER B 315 8.99 9.60 16.38
N VAL B 316 9.60 9.48 15.19
CA VAL B 316 11.02 9.20 14.98
C VAL B 316 11.73 10.39 14.36
N VAL B 317 13.00 10.54 14.70
CA VAL B 317 13.73 11.70 14.22
C VAL B 317 13.74 11.77 12.68
N SER B 318 14.08 10.67 12.00
CA SER B 318 14.20 10.69 10.55
C SER B 318 13.86 9.34 9.94
N LYS B 319 13.02 9.36 8.89
CA LYS B 319 12.73 8.13 8.14
C LYS B 319 12.31 8.44 6.70
N VAL B 320 12.25 7.38 5.90
CA VAL B 320 11.86 7.47 4.49
C VAL B 320 10.37 7.21 4.41
N VAL B 321 9.64 8.11 3.75
CA VAL B 321 8.20 7.98 3.54
C VAL B 321 7.98 7.77 2.04
N LYS B 322 7.24 6.72 1.70
CA LYS B 322 7.05 6.34 0.31
C LYS B 322 5.63 6.64 -0.09
N VAL B 323 5.47 7.24 -1.26
CA VAL B 323 4.21 7.81 -1.73
C VAL B 323 4.15 7.58 -3.22
N THR B 324 3.10 6.90 -3.66
CA THR B 324 2.91 6.64 -5.08
C THR B 324 2.42 7.93 -5.73
N ILE B 325 3.16 8.40 -6.74
CA ILE B 325 2.76 9.63 -7.42
C ILE B 325 3.09 9.45 -8.87
N ASP B 326 2.13 9.82 -9.75
CA ASP B 326 2.30 9.60 -11.18
C ASP B 326 2.69 8.17 -11.41
N TYR B 327 2.16 7.28 -10.55
CA TYR B 327 2.30 5.83 -10.61
C TYR B 327 3.67 5.35 -10.18
N THR B 328 4.56 6.21 -9.68
CA THR B 328 5.88 5.77 -9.30
C THR B 328 6.09 6.00 -7.80
N GLU B 329 7.02 5.28 -7.23
CA GLU B 329 7.28 5.40 -5.78
C GLU B 329 8.22 6.57 -5.51
N ILE B 330 7.69 7.66 -4.99
CA ILE B 330 8.52 8.80 -4.61
C ILE B 330 8.87 8.67 -3.13
N SER B 331 10.15 8.50 -2.84
CA SER B 331 10.64 8.57 -1.46
C SER B 331 10.74 9.99 -0.97
N PHE B 332 10.26 10.24 0.26
CA PHE B 332 10.46 11.49 0.98
C PHE B 332 11.26 11.22 2.24
N MET B 333 12.05 12.19 2.65
CA MET B 333 12.63 12.22 3.99
C MET B 333 11.70 13.00 4.89
N LEU B 334 11.36 12.42 6.04
CA LEU B 334 10.57 13.08 7.07
C LEU B 334 11.44 13.25 8.31
N TRP B 335 11.65 14.49 8.72
CA TRP B 335 12.41 14.79 9.92
C TRP B 335 11.50 15.40 10.98
N CYS B 336 11.49 14.78 12.17
CA CYS B 336 10.64 15.27 13.24
C CYS B 336 11.45 15.47 14.51
N LYS B 337 10.90 16.28 15.40
CA LYS B 337 11.43 16.52 16.73
C LYS B 337 10.23 16.73 17.65
N ASP B 338 10.24 16.05 18.80
CA ASP B 338 9.21 16.17 19.83
C ASP B 338 7.80 16.20 19.26
N GLY B 339 7.53 15.28 18.31
CA GLY B 339 6.19 15.05 17.78
C GLY B 339 5.67 16.07 16.78
N HIS B 340 6.53 17.00 16.35
CA HIS B 340 6.17 17.94 15.31
C HIS B 340 7.14 17.78 14.14
N VAL B 341 6.70 18.21 12.94
CA VAL B 341 7.55 18.13 11.75
C VAL B 341 8.66 19.16 11.84
N GLU B 342 9.87 18.75 11.47
CA GLU B 342 10.95 19.69 11.19
C GLU B 342 11.05 19.99 9.69
N THR B 343 11.25 18.97 8.86
CA THR B 343 11.14 19.17 7.43
C THR B 343 10.63 17.89 6.79
N PHE B 344 10.26 18.01 5.52
CA PHE B 344 9.70 16.90 4.77
C PHE B 344 9.92 17.21 3.30
N TYR B 345 10.70 16.37 2.59
CA TYR B 345 11.11 16.73 1.24
C TYR B 345 11.27 15.50 0.39
N PRO B 346 11.00 15.61 -0.92
CA PRO B 346 11.40 14.57 -1.88
C PRO B 346 12.86 14.24 -1.76
N LYS B 347 13.18 12.95 -1.61
CA LYS B 347 14.53 12.51 -1.26
C LYS B 347 15.49 12.76 -2.41
N LEU B 348 16.69 13.22 -2.05
CA LEU B 348 17.73 13.62 -3.01
C LEU B 348 18.73 12.47 -3.15
N GLN B 349 18.24 11.39 -3.73
CA GLN B 349 18.99 10.14 -3.74
C GLN B 349 19.65 9.88 -5.10
#